data_3RZI
#
_entry.id   3RZI
#
_cell.length_a   207.560
_cell.length_b   207.560
_cell.length_c   66.977
_cell.angle_alpha   90.000
_cell.angle_beta   90.000
_cell.angle_gamma   120.000
#
_symmetry.space_group_name_H-M   'P 32 2 1'
#
loop_
_entity.id
_entity.type
_entity.pdbx_description
1 polymer 'Probable 3-deoxy-D-arabino-heptulosonate 7-phosphate synthase AroG'
2 non-polymer 'MANGANESE (II) ION'
3 non-polymer PHENYLALANINE
4 non-polymer TRYPTOPHAN
5 non-polymer 'PHOSPHATE ION'
6 non-polymer 'SULFATE ION'
7 non-polymer GLYCEROL
8 non-polymer 'CHLORIDE ION'
9 water water
#
_entity_poly.entity_id   1
_entity_poly.type   'polypeptide(L)'
_entity_poly.pdbx_seq_one_letter_code
;MNWTVDIPIDQLPSLPPLPTDLRTRLDAALAKPAAQQPTWPADQALAMRTVLESVPPVTVPSEIVRLQEQLAQVAKGEAF
LLQGGDCAETFMDNTEPHIRGNVRALLQMAVVLTYGASMPVVKVARIAGQYAKPRSADIDALGLRSYRGDMINGFAPDAA
AREHDPSRLVRAYANASAAMNLVRALTSSGLASLHLVHDWNREFVRTSPAGARYEALATEIDRGLRFMSACGVADRNLQT
AEIYASHEALVLDYERAMLRLSDGDDGEPQLFDLSAHTVWIGERTRQIDGAHIAFAQVIANPVGVKLGPNMTPELAVEYV
ERLDPHNKPGRLTLVSRMGNHKVRDLLPPIVEKVQATGHQVIWQCDPMHGNTHESSTGFKTRHFDRIVDEVQGFFEVHRA
LGTHPGGIHVEITGENVTECLGGAQDISETDLAGRYETACDPRLNTQQSLELAFLVAEMLRD
;
_entity_poly.pdbx_strand_id   A,B
#
loop_
_chem_comp.id
_chem_comp.type
_chem_comp.name
_chem_comp.formula
CL non-polymer 'CHLORIDE ION' 'Cl -1'
GOL non-polymer GLYCEROL 'C3 H8 O3'
MN non-polymer 'MANGANESE (II) ION' 'Mn 2'
PO4 non-polymer 'PHOSPHATE ION' 'O4 P -3'
SO4 non-polymer 'SULFATE ION' 'O4 S -2'
#
# COMPACT_ATOMS: atom_id res chain seq x y z
N ASN A 2 -11.86 25.54 -15.48
CA ASN A 2 -11.13 24.52 -16.28
C ASN A 2 -11.03 23.13 -15.61
N TRP A 3 -11.87 22.87 -14.62
CA TRP A 3 -12.12 21.50 -14.14
C TRP A 3 -10.86 20.85 -13.54
N THR A 4 -10.03 21.67 -12.90
CA THR A 4 -8.87 21.18 -12.13
C THR A 4 -8.88 21.71 -10.69
N VAL A 5 -8.04 21.13 -9.84
CA VAL A 5 -7.84 21.66 -8.51
C VAL A 5 -6.36 21.54 -8.18
N ASP A 6 -5.82 22.65 -7.67
CA ASP A 6 -4.41 22.79 -7.38
C ASP A 6 -4.12 22.28 -5.95
N ILE A 7 -3.02 21.52 -5.77
CA ILE A 7 -2.64 20.96 -4.45
C ILE A 7 -1.23 21.46 -4.11
N PRO A 8 -1.13 22.35 -3.10
CA PRO A 8 0.14 22.97 -2.76
C PRO A 8 1.19 21.97 -2.30
N ILE A 9 2.44 22.30 -2.64
CA ILE A 9 3.66 21.63 -2.20
C ILE A 9 4.35 22.47 -1.11
N ASP A 10 4.85 21.78 -0.10
CA ASP A 10 5.66 22.41 0.93
C ASP A 10 7.09 22.62 0.43
N GLN A 11 7.44 23.88 0.15
CA GLN A 11 8.82 24.38 0.05
C GLN A 11 9.19 24.72 -1.41
N PRO A 16 17.52 14.83 5.71
CA PRO A 16 18.98 14.84 5.60
C PRO A 16 19.46 14.12 4.32
N PRO A 17 20.34 14.77 3.53
CA PRO A 17 20.73 14.34 2.17
C PRO A 17 21.45 12.98 2.18
N LEU A 18 21.44 12.26 1.05
CA LEU A 18 22.23 11.03 0.86
C LEU A 18 23.69 11.33 1.22
N PRO A 19 24.51 10.29 1.46
CA PRO A 19 25.90 10.60 1.81
C PRO A 19 26.76 11.24 0.71
N THR A 20 27.74 12.04 1.10
CA THR A 20 28.61 12.78 0.18
C THR A 20 29.33 11.87 -0.80
N ASP A 21 29.78 10.70 -0.37
CA ASP A 21 30.53 9.86 -1.29
C ASP A 21 29.59 9.28 -2.37
N LEU A 22 28.42 8.77 -2.00
N LEU A 22 28.48 8.73 -1.91
CA LEU A 22 27.48 8.29 -3.02
CA LEU A 22 27.36 8.34 -2.77
C LEU A 22 26.85 9.42 -3.88
C LEU A 22 27.01 9.43 -3.81
N ARG A 23 26.64 10.59 -3.30
CA ARG A 23 26.26 11.76 -4.11
C ARG A 23 27.31 12.19 -5.15
N THR A 24 28.59 12.09 -4.77
CA THR A 24 29.71 12.29 -5.70
C THR A 24 29.77 11.24 -6.84
N ARG A 25 29.43 9.99 -6.54
N ARG A 25 29.43 9.99 -6.54
CA ARG A 25 29.32 8.98 -7.58
CA ARG A 25 29.32 8.96 -7.56
C ARG A 25 28.14 9.24 -8.51
C ARG A 25 28.14 9.21 -8.49
N LEU A 26 26.99 9.53 -7.93
CA LEU A 26 25.77 9.85 -8.71
C LEU A 26 25.98 11.03 -9.64
N ASP A 27 26.55 12.13 -9.14
CA ASP A 27 26.65 13.30 -10.03
C ASP A 27 27.59 13.09 -11.20
N ALA A 28 28.58 12.24 -11.00
CA ALA A 28 29.47 11.81 -12.06
C ALA A 28 28.74 11.00 -13.14
N ALA A 29 27.82 10.14 -12.73
CA ALA A 29 27.09 9.28 -13.63
C ALA A 29 26.06 10.12 -14.35
N LEU A 30 25.45 11.04 -13.64
CA LEU A 30 24.40 11.89 -14.20
C LEU A 30 24.91 13.08 -15.03
N ALA A 31 26.22 13.33 -15.05
CA ALA A 31 26.80 14.24 -16.02
C ALA A 31 26.81 13.63 -17.41
N LYS A 32 26.54 12.34 -17.54
CA LYS A 32 26.46 11.78 -18.86
C LYS A 32 25.21 12.28 -19.57
N PRO A 33 25.25 12.40 -20.91
CA PRO A 33 24.08 12.92 -21.58
C PRO A 33 22.91 11.95 -21.43
N ALA A 34 21.71 12.51 -21.28
CA ALA A 34 20.49 11.71 -21.07
C ALA A 34 19.51 11.93 -22.23
N ALA A 35 19.21 10.90 -23.01
CA ALA A 35 18.18 11.09 -24.04
C ALA A 35 16.74 11.20 -23.48
N GLN A 36 15.88 11.79 -24.29
CA GLN A 36 14.43 11.75 -24.08
C GLN A 36 14.02 12.38 -22.75
N GLN A 37 14.74 13.40 -22.27
CA GLN A 37 14.33 13.96 -20.98
C GLN A 37 13.38 15.13 -21.18
N PRO A 38 12.52 15.39 -20.20
CA PRO A 38 11.59 16.52 -20.35
C PRO A 38 12.28 17.90 -20.35
N THR A 39 11.60 18.92 -20.86
CA THR A 39 12.22 20.23 -21.05
C THR A 39 11.71 21.26 -20.04
N TRP A 40 11.47 20.86 -18.80
CA TRP A 40 11.00 21.86 -17.85
C TRP A 40 12.15 22.66 -17.20
N PRO A 41 11.86 23.76 -16.52
CA PRO A 41 12.96 24.55 -15.95
C PRO A 41 13.66 23.77 -14.81
N ALA A 42 14.99 23.93 -14.71
CA ALA A 42 15.82 23.19 -13.77
C ALA A 42 15.40 23.54 -12.36
N ASP A 43 15.00 24.78 -12.17
CA ASP A 43 14.73 25.21 -10.82
C ASP A 43 13.43 24.57 -10.38
N GLN A 44 12.51 24.40 -11.30
CA GLN A 44 11.27 23.74 -11.00
C GLN A 44 11.46 22.23 -10.80
N ALA A 45 12.22 21.60 -11.69
CA ALA A 45 12.65 20.22 -11.46
C ALA A 45 13.25 20.05 -10.05
N LEU A 46 14.22 20.89 -9.70
CA LEU A 46 14.84 20.80 -8.38
C LEU A 46 13.84 20.84 -7.22
N ALA A 47 12.96 21.85 -7.23
CA ALA A 47 11.88 21.97 -6.23
C ALA A 47 11.13 20.63 -6.07
N MET A 48 10.74 20.08 -7.21
CA MET A 48 9.94 18.88 -7.22
C MET A 48 10.81 17.67 -6.80
N ARG A 49 12.07 17.64 -7.15
CA ARG A 49 12.90 16.56 -6.60
C ARG A 49 13.00 16.66 -5.09
N THR A 50 13.25 17.86 -4.58
CA THR A 50 13.19 18.08 -3.13
C THR A 50 11.96 17.57 -2.37
N VAL A 51 10.76 17.80 -2.87
CA VAL A 51 9.59 17.09 -2.35
C VAL A 51 9.78 15.55 -2.39
N LEU A 52 10.13 15.00 -3.55
CA LEU A 52 10.12 13.54 -3.68
C LEU A 52 11.26 12.89 -2.87
N GLU A 53 12.33 13.62 -2.56
CA GLU A 53 13.37 13.05 -1.71
C GLU A 53 12.95 12.77 -0.27
N SER A 54 11.74 13.13 0.14
CA SER A 54 11.34 12.90 1.53
C SER A 54 9.98 12.25 1.70
N VAL A 55 9.42 11.84 0.58
CA VAL A 55 8.15 11.17 0.61
C VAL A 55 8.40 9.72 0.99
N PRO A 56 7.40 9.06 1.57
CA PRO A 56 7.46 7.63 1.89
C PRO A 56 7.67 6.82 0.58
N PRO A 57 8.47 5.74 0.60
CA PRO A 57 8.80 5.10 -0.67
C PRO A 57 7.69 4.21 -1.26
N VAL A 58 7.76 3.89 -2.56
CA VAL A 58 6.76 2.98 -3.15
C VAL A 58 7.05 1.52 -2.76
N THR A 59 8.33 1.15 -2.79
CA THR A 59 8.88 -0.14 -2.36
C THR A 59 9.93 0.05 -1.27
N VAL A 60 10.31 -1.05 -0.61
CA VAL A 60 11.38 -1.06 0.38
C VAL A 60 12.51 -2.04 0.09
N PRO A 61 13.72 -1.71 0.57
CA PRO A 61 14.89 -2.50 0.10
C PRO A 61 14.79 -4.02 0.34
N SER A 62 14.24 -4.45 1.46
CA SER A 62 14.16 -5.90 1.69
C SER A 62 13.21 -6.62 0.72
N GLU A 63 12.21 -5.92 0.16
CA GLU A 63 11.41 -6.45 -0.96
C GLU A 63 12.21 -6.71 -2.24
N ILE A 64 13.08 -5.78 -2.53
CA ILE A 64 13.89 -5.83 -3.75
C ILE A 64 14.97 -6.93 -3.63
N VAL A 65 15.56 -7.02 -2.44
CA VAL A 65 16.52 -8.06 -2.12
C VAL A 65 15.89 -9.45 -2.27
N ARG A 66 14.67 -9.62 -1.77
CA ARG A 66 13.91 -10.82 -2.06
C ARG A 66 13.61 -11.10 -3.55
N LEU A 67 13.31 -10.04 -4.30
CA LEU A 67 13.10 -10.16 -5.72
C LEU A 67 14.39 -10.63 -6.38
N GLN A 68 15.52 -10.09 -5.95
CA GLN A 68 16.80 -10.47 -6.55
C GLN A 68 17.09 -12.00 -6.37
N GLU A 69 16.86 -12.51 -5.17
CA GLU A 69 16.86 -13.94 -4.86
C GLU A 69 15.91 -14.72 -5.73
N GLN A 70 14.73 -14.16 -6.02
CA GLN A 70 13.81 -14.98 -6.82
C GLN A 70 14.25 -14.96 -8.28
N LEU A 71 14.89 -13.87 -8.66
CA LEU A 71 15.24 -13.66 -10.06
C LEU A 71 16.52 -14.43 -10.38
N ALA A 72 17.40 -14.58 -9.39
CA ALA A 72 18.52 -15.48 -9.43
C ALA A 72 18.08 -16.89 -9.74
N GLN A 73 16.94 -17.30 -9.19
CA GLN A 73 16.44 -18.66 -9.42
C GLN A 73 15.92 -18.75 -10.82
N VAL A 74 15.42 -17.63 -11.36
CA VAL A 74 15.00 -17.62 -12.75
C VAL A 74 16.22 -17.76 -13.66
N ALA A 75 17.24 -16.94 -13.41
CA ALA A 75 18.49 -17.02 -14.18
C ALA A 75 19.07 -18.43 -14.28
N LYS A 76 18.99 -19.14 -13.16
CA LYS A 76 19.52 -20.48 -13.08
C LYS A 76 18.63 -21.59 -13.64
N GLY A 77 17.49 -21.26 -14.23
CA GLY A 77 16.64 -22.26 -14.91
C GLY A 77 15.69 -22.97 -13.96
N GLU A 78 15.46 -22.37 -12.80
CA GLU A 78 14.62 -22.96 -11.78
C GLU A 78 13.37 -22.16 -11.44
N ALA A 79 13.14 -21.08 -12.17
CA ALA A 79 11.92 -20.28 -12.09
C ALA A 79 11.70 -19.60 -13.44
N PHE A 80 10.50 -19.02 -13.64
CA PHE A 80 10.07 -18.33 -14.88
C PHE A 80 9.56 -16.95 -14.50
N LEU A 81 9.87 -15.94 -15.31
CA LEU A 81 9.58 -14.52 -14.97
C LEU A 81 8.40 -14.08 -15.88
N LEU A 82 7.30 -13.57 -15.29
CA LEU A 82 6.09 -13.15 -16.00
C LEU A 82 5.93 -11.66 -15.65
N GLN A 83 6.08 -10.81 -16.65
CA GLN A 83 5.99 -9.37 -16.44
C GLN A 83 4.96 -8.78 -17.42
N GLY A 84 3.96 -8.10 -16.88
CA GLY A 84 2.91 -7.59 -17.75
C GLY A 84 2.11 -6.44 -17.16
N GLY A 85 1.52 -5.64 -18.04
CA GLY A 85 0.46 -4.74 -17.68
C GLY A 85 0.39 -3.70 -18.76
N ASP A 86 -0.17 -2.56 -18.38
CA ASP A 86 -0.47 -1.50 -19.36
C ASP A 86 0.82 -1.04 -20.08
N CYS A 87 0.76 -0.73 -21.38
CA CYS A 87 1.89 -0.05 -22.06
C CYS A 87 2.16 1.30 -21.44
N ALA A 88 1.06 2.00 -21.23
CA ALA A 88 1.07 3.31 -20.55
C ALA A 88 -0.03 3.49 -19.50
N GLU A 89 0.37 3.70 -18.24
CA GLU A 89 -0.68 4.04 -17.30
C GLU A 89 -1.02 5.47 -17.49
N THR A 90 -2.26 5.85 -17.13
CA THR A 90 -2.74 7.23 -17.10
C THR A 90 -3.29 7.55 -15.74
N PHE A 91 -3.17 8.80 -15.37
CA PHE A 91 -3.71 9.21 -14.09
C PHE A 91 -5.22 9.03 -14.08
N MET A 92 -5.90 9.31 -15.18
CA MET A 92 -7.36 9.19 -15.08
C MET A 92 -7.87 7.73 -15.17
N ASP A 93 -7.03 6.77 -15.51
CA ASP A 93 -7.46 5.37 -15.57
C ASP A 93 -6.79 4.58 -14.40
N ASN A 94 -6.26 5.32 -13.43
CA ASN A 94 -5.62 4.73 -12.24
C ASN A 94 -6.67 4.54 -11.16
N THR A 95 -7.63 3.67 -11.50
CA THR A 95 -8.83 3.44 -10.73
C THR A 95 -8.79 2.04 -10.14
N GLU A 96 -9.66 1.82 -9.18
CA GLU A 96 -9.68 0.55 -8.51
C GLU A 96 -10.04 -0.61 -9.46
N PRO A 97 -11.05 -0.46 -10.37
CA PRO A 97 -11.47 -1.57 -11.26
C PRO A 97 -10.43 -1.83 -12.34
N HIS A 98 -9.70 -0.79 -12.73
CA HIS A 98 -8.70 -1.01 -13.78
C HIS A 98 -7.54 -1.82 -13.20
N ILE A 99 -7.09 -1.34 -12.04
CA ILE A 99 -5.87 -1.87 -11.34
C ILE A 99 -6.17 -3.30 -10.97
N ARG A 100 -7.35 -3.55 -10.39
N ARG A 100 -7.37 -3.54 -10.42
CA ARG A 100 -7.76 -4.91 -10.04
CA ARG A 100 -7.82 -4.87 -10.02
C ARG A 100 -7.77 -5.74 -11.30
C ARG A 100 -7.93 -5.77 -11.24
N GLY A 101 -8.37 -5.19 -12.35
CA GLY A 101 -8.51 -5.96 -13.56
C GLY A 101 -7.13 -6.40 -14.03
N ASN A 102 -6.14 -5.52 -13.98
CA ASN A 102 -4.82 -5.85 -14.48
C ASN A 102 -4.09 -6.89 -13.62
N VAL A 103 -4.23 -6.75 -12.30
CA VAL A 103 -3.69 -7.76 -11.37
C VAL A 103 -4.34 -9.10 -11.62
N ARG A 104 -5.66 -9.07 -11.77
CA ARG A 104 -6.40 -10.27 -12.09
C ARG A 104 -5.81 -10.94 -13.32
N ALA A 105 -5.58 -10.18 -14.40
CA ALA A 105 -5.09 -10.79 -15.66
C ALA A 105 -3.70 -11.33 -15.46
N LEU A 106 -2.77 -10.60 -14.82
CA LEU A 106 -1.48 -11.25 -14.49
C LEU A 106 -1.66 -12.60 -13.77
N LEU A 107 -2.53 -12.60 -12.77
CA LEU A 107 -2.56 -13.70 -11.84
C LEU A 107 -3.07 -14.96 -12.57
N GLN A 108 -3.95 -14.76 -13.55
CA GLN A 108 -4.57 -15.84 -14.28
C GLN A 108 -3.51 -16.38 -15.22
N MET A 109 -2.81 -15.50 -15.95
CA MET A 109 -1.68 -16.00 -16.72
C MET A 109 -0.75 -16.77 -15.80
N ALA A 110 -0.55 -16.27 -14.57
CA ALA A 110 0.47 -16.90 -13.70
C ALA A 110 0.15 -18.34 -13.30
N VAL A 111 -1.14 -18.65 -13.07
CA VAL A 111 -1.58 -20.01 -12.64
C VAL A 111 -1.21 -20.95 -13.76
N VAL A 112 -1.58 -20.59 -14.97
CA VAL A 112 -1.29 -21.46 -16.10
C VAL A 112 0.17 -21.60 -16.38
N LEU A 113 0.93 -20.51 -16.33
CA LEU A 113 2.36 -20.67 -16.46
C LEU A 113 3.05 -21.46 -15.36
N THR A 114 2.64 -21.31 -14.11
CA THR A 114 3.26 -22.09 -13.07
C THR A 114 3.02 -23.59 -13.38
N TYR A 115 1.78 -23.98 -13.62
CA TYR A 115 1.56 -25.38 -13.95
C TYR A 115 2.36 -25.87 -15.16
N GLY A 116 2.49 -25.03 -16.19
CA GLY A 116 3.11 -25.50 -17.43
C GLY A 116 4.61 -25.59 -17.33
N ALA A 117 5.23 -24.60 -16.68
CA ALA A 117 6.64 -24.62 -16.35
C ALA A 117 7.08 -25.71 -15.36
N SER A 118 6.18 -26.05 -14.45
CA SER A 118 6.53 -26.91 -13.31
C SER A 118 7.52 -26.26 -12.36
N MET A 119 7.49 -24.93 -12.26
CA MET A 119 8.36 -24.26 -11.32
C MET A 119 7.74 -22.92 -10.94
N PRO A 120 8.36 -22.21 -9.98
CA PRO A 120 7.65 -20.98 -9.56
C PRO A 120 7.74 -19.91 -10.65
N VAL A 121 6.79 -18.96 -10.58
CA VAL A 121 6.68 -17.89 -11.55
C VAL A 121 6.80 -16.59 -10.75
N VAL A 122 7.77 -15.75 -11.12
CA VAL A 122 8.00 -14.43 -10.44
C VAL A 122 7.14 -13.43 -11.19
N LYS A 123 6.20 -12.81 -10.46
CA LYS A 123 5.09 -12.11 -11.04
C LYS A 123 5.36 -10.60 -10.85
N VAL A 124 5.62 -9.90 -11.96
CA VAL A 124 6.04 -8.50 -11.94
C VAL A 124 5.09 -7.70 -12.82
N ALA A 125 4.33 -6.79 -12.22
CA ALA A 125 3.46 -5.92 -12.97
C ALA A 125 4.17 -4.65 -13.56
N ARG A 126 3.86 -4.29 -14.83
CA ARG A 126 4.09 -2.93 -15.32
C ARG A 126 3.04 -2.02 -14.73
N ILE A 127 3.35 -1.40 -13.60
CA ILE A 127 2.32 -0.70 -12.86
C ILE A 127 2.95 0.25 -11.83
N ALA A 128 2.19 1.18 -11.26
CA ALA A 128 2.66 2.04 -10.17
C ALA A 128 3.90 2.77 -10.63
N GLY A 129 3.90 3.11 -11.91
CA GLY A 129 4.85 4.16 -12.37
C GLY A 129 5.19 4.28 -13.84
N GLN A 130 4.42 3.59 -14.69
CA GLN A 130 4.79 3.53 -16.07
C GLN A 130 4.14 4.73 -16.77
N TYR A 131 4.70 5.89 -16.51
CA TYR A 131 3.99 7.15 -16.76
C TYR A 131 4.71 8.10 -17.69
N ALA A 132 5.66 7.56 -18.46
CA ALA A 132 6.62 8.29 -19.24
C ALA A 132 7.03 7.45 -20.47
N LYS A 133 7.13 8.05 -21.65
CA LYS A 133 7.49 7.29 -22.87
C LYS A 133 8.42 8.17 -23.73
N PRO A 134 9.30 7.56 -24.54
CA PRO A 134 10.13 8.33 -25.45
C PRO A 134 9.23 8.86 -26.55
N ARG A 135 9.71 9.74 -27.40
CA ARG A 135 9.04 9.86 -28.71
C ARG A 135 10.07 9.98 -29.80
N SER A 136 9.72 9.57 -31.01
CA SER A 136 10.64 9.78 -32.13
C SER A 136 10.32 11.12 -32.80
N ALA A 137 9.03 11.45 -32.80
CA ALA A 137 8.45 12.56 -33.57
C ALA A 137 8.52 13.85 -32.77
N ASP A 138 9.14 14.87 -33.37
CA ASP A 138 9.22 16.19 -32.71
C ASP A 138 7.80 16.74 -32.60
N ILE A 139 7.04 16.59 -33.67
CA ILE A 139 5.72 17.20 -33.74
C ILE A 139 4.77 16.09 -34.17
N ASP A 140 3.74 15.78 -33.39
CA ASP A 140 2.81 14.74 -33.79
C ASP A 140 1.99 15.13 -35.02
N ALA A 141 1.14 14.21 -35.43
CA ALA A 141 0.32 14.36 -36.63
C ALA A 141 -0.58 15.59 -36.57
N LEU A 142 -0.91 16.05 -35.37
CA LEU A 142 -1.88 17.13 -35.21
C LEU A 142 -1.13 18.46 -35.12
N GLY A 143 0.19 18.37 -35.24
CA GLY A 143 1.00 19.56 -35.27
C GLY A 143 1.23 20.00 -33.85
N LEU A 144 1.10 19.08 -32.89
CA LEU A 144 1.36 19.42 -31.50
C LEU A 144 2.63 18.74 -31.00
N ARG A 145 3.28 19.36 -30.04
CA ARG A 145 4.26 18.65 -29.24
C ARG A 145 3.76 17.30 -28.82
N SER A 146 4.61 16.28 -28.92
CA SER A 146 4.13 14.92 -28.65
C SER A 146 3.80 14.73 -27.17
N TYR A 147 2.77 13.95 -26.91
CA TYR A 147 2.51 13.39 -25.59
C TYR A 147 3.72 12.56 -25.15
N ARG A 148 4.13 12.74 -23.90
CA ARG A 148 5.25 11.99 -23.35
C ARG A 148 4.89 11.13 -22.13
N GLY A 149 3.63 10.87 -21.90
CA GLY A 149 3.27 10.22 -20.64
C GLY A 149 2.90 11.19 -19.55
N ASP A 150 2.08 10.71 -18.62
CA ASP A 150 1.37 11.56 -17.70
C ASP A 150 2.31 12.19 -16.69
N MET A 151 3.52 11.62 -16.57
CA MET A 151 4.53 12.20 -15.69
C MET A 151 5.13 13.46 -16.32
N ILE A 152 4.96 13.61 -17.64
CA ILE A 152 5.50 14.74 -18.40
C ILE A 152 4.44 15.74 -18.84
N ASN A 153 3.38 15.30 -19.54
CA ASN A 153 2.42 16.27 -20.09
C ASN A 153 1.04 15.58 -20.24
N GLY A 154 0.06 16.19 -20.91
CA GLY A 154 -1.26 15.57 -21.08
C GLY A 154 -1.56 14.90 -22.43
N PHE A 155 -2.42 13.88 -22.42
CA PHE A 155 -2.73 13.08 -23.60
C PHE A 155 -3.54 13.96 -24.53
N ALA A 156 -4.22 14.94 -23.90
CA ALA A 156 -5.25 15.73 -24.50
C ALA A 156 -4.57 16.55 -25.58
N PRO A 157 -5.13 16.51 -26.80
CA PRO A 157 -4.51 17.11 -27.98
C PRO A 157 -4.80 18.58 -27.98
N ASP A 158 -4.14 19.27 -27.06
CA ASP A 158 -4.25 20.72 -26.96
C ASP A 158 -3.00 21.33 -26.34
N ALA A 159 -2.60 22.45 -26.92
CA ALA A 159 -1.27 22.97 -26.66
C ALA A 159 -0.95 23.17 -25.18
N ALA A 160 -1.94 23.55 -24.38
CA ALA A 160 -1.67 23.81 -22.96
C ALA A 160 -1.38 22.51 -22.21
N ALA A 161 -2.10 21.46 -22.58
CA ALA A 161 -1.94 20.13 -21.98
C ALA A 161 -0.57 19.59 -22.25
N ARG A 162 -0.05 19.86 -23.44
CA ARG A 162 1.24 19.33 -23.85
C ARG A 162 2.46 20.04 -23.34
N GLU A 163 2.42 21.15 -22.68
N GLU A 163 2.37 21.12 -22.62
CA GLU A 163 3.62 21.75 -22.11
CA GLU A 163 3.49 21.75 -21.95
C GLU A 163 4.12 20.92 -20.93
C GLU A 163 4.11 20.79 -20.96
N HIS A 164 5.39 20.80 -20.83
CA HIS A 164 6.03 19.92 -19.88
C HIS A 164 5.89 20.49 -18.47
N ASP A 165 5.26 19.74 -17.55
CA ASP A 165 4.89 20.28 -16.25
C ASP A 165 5.55 19.52 -15.11
N PRO A 166 6.53 20.13 -14.42
CA PRO A 166 7.27 19.26 -13.54
C PRO A 166 6.45 18.82 -12.35
N SER A 167 5.28 19.46 -12.11
CA SER A 167 4.46 19.13 -10.95
C SER A 167 3.89 17.75 -11.13
N ARG A 168 3.81 17.33 -12.39
CA ARG A 168 3.47 15.97 -12.71
C ARG A 168 4.44 14.97 -12.07
N LEU A 169 5.65 15.37 -11.68
CA LEU A 169 6.53 14.46 -10.91
C LEU A 169 5.86 13.94 -9.64
N VAL A 170 5.16 14.86 -8.97
CA VAL A 170 4.52 14.60 -7.67
C VAL A 170 3.18 13.91 -7.90
N ARG A 171 2.44 14.32 -8.94
CA ARG A 171 1.22 13.63 -9.21
C ARG A 171 1.48 12.13 -9.53
N ALA A 172 2.57 11.85 -10.25
CA ALA A 172 2.94 10.49 -10.65
C ALA A 172 3.23 9.69 -9.38
N TYR A 173 4.08 10.24 -8.53
CA TYR A 173 4.36 9.62 -7.24
C TYR A 173 3.04 9.32 -6.52
N ALA A 174 2.18 10.31 -6.27
CA ALA A 174 0.94 10.01 -5.52
C ALA A 174 0.13 8.86 -6.16
N ASN A 175 0.06 8.88 -7.49
CA ASN A 175 -0.76 7.91 -8.18
C ASN A 175 -0.06 6.54 -8.07
N ALA A 176 1.27 6.55 -8.14
CA ALA A 176 2.11 5.33 -8.03
C ALA A 176 1.94 4.69 -6.65
N SER A 177 2.06 5.50 -5.59
CA SER A 177 1.88 4.93 -4.27
C SER A 177 0.45 4.49 -3.97
N ALA A 178 -0.57 5.24 -4.43
CA ALA A 178 -1.94 4.87 -4.16
C ALA A 178 -2.22 3.54 -4.89
N ALA A 179 -1.63 3.40 -6.07
CA ALA A 179 -1.80 2.16 -6.87
C ALA A 179 -1.17 0.94 -6.21
N MET A 180 0.05 1.18 -5.76
CA MET A 180 0.80 0.13 -5.07
C MET A 180 0.13 -0.29 -3.76
N ASN A 181 -0.37 0.67 -2.97
CA ASN A 181 -1.24 0.38 -1.84
C ASN A 181 -2.31 -0.66 -2.17
N LEU A 182 -2.92 -0.51 -3.34
CA LEU A 182 -4.10 -1.31 -3.67
C LEU A 182 -3.60 -2.65 -4.13
N VAL A 183 -2.46 -2.67 -4.82
CA VAL A 183 -1.96 -3.95 -5.36
C VAL A 183 -1.58 -4.84 -4.15
N ARG A 184 -1.02 -4.20 -3.11
CA ARG A 184 -0.60 -4.92 -1.89
C ARG A 184 -1.82 -5.49 -1.18
N ALA A 185 -2.86 -4.64 -1.05
CA ALA A 185 -4.10 -4.96 -0.37
C ALA A 185 -4.83 -6.12 -1.08
N LEU A 186 -4.84 -6.12 -2.41
CA LEU A 186 -5.61 -7.12 -3.15
C LEU A 186 -4.94 -8.49 -3.13
N THR A 187 -3.59 -8.50 -3.16
CA THR A 187 -2.79 -9.73 -3.23
C THR A 187 -2.55 -10.36 -1.87
N SER A 188 -2.75 -9.58 -0.83
CA SER A 188 -2.85 -10.14 0.51
C SER A 188 -4.24 -10.59 1.05
N SER A 189 -5.33 -10.19 0.43
CA SER A 189 -6.62 -10.26 1.08
C SER A 189 -7.62 -11.04 0.22
N GLY A 190 -7.19 -11.75 -0.83
CA GLY A 190 -8.04 -12.82 -1.39
C GLY A 190 -8.02 -12.84 -2.90
N LEU A 191 -7.74 -11.71 -3.56
CA LEU A 191 -7.68 -11.72 -5.04
C LEU A 191 -6.60 -12.68 -5.57
N ALA A 192 -5.53 -12.85 -4.82
CA ALA A 192 -4.48 -13.77 -5.22
C ALA A 192 -4.63 -15.20 -4.65
N SER A 193 -5.83 -15.57 -4.29
CA SER A 193 -6.15 -16.96 -3.97
C SER A 193 -6.12 -17.79 -5.22
N LEU A 194 -5.26 -18.81 -5.20
CA LEU A 194 -5.03 -19.67 -6.35
C LEU A 194 -6.28 -20.36 -6.79
N HIS A 195 -7.08 -20.82 -5.82
CA HIS A 195 -8.33 -21.46 -6.08
C HIS A 195 -9.29 -20.52 -6.79
N LEU A 196 -9.37 -19.28 -6.31
CA LEU A 196 -10.34 -18.36 -6.86
C LEU A 196 -9.88 -17.90 -8.25
N VAL A 197 -8.58 -17.65 -8.42
CA VAL A 197 -8.01 -17.29 -9.69
C VAL A 197 -8.19 -18.39 -10.74
N HIS A 198 -8.03 -19.65 -10.31
CA HIS A 198 -8.30 -20.80 -11.18
C HIS A 198 -9.76 -20.95 -11.60
N ASP A 199 -10.67 -20.60 -10.70
CA ASP A 199 -12.08 -20.51 -11.02
C ASP A 199 -12.41 -19.52 -12.11
N TRP A 200 -11.72 -18.39 -12.12
CA TRP A 200 -11.86 -17.48 -13.25
C TRP A 200 -11.32 -18.16 -14.52
N ASN A 201 -10.19 -18.87 -14.41
CA ASN A 201 -9.67 -19.58 -15.60
C ASN A 201 -10.66 -20.61 -16.12
N ARG A 202 -11.33 -21.34 -15.24
CA ARG A 202 -12.38 -22.27 -15.67
C ARG A 202 -13.58 -21.61 -16.37
N GLU A 203 -14.01 -20.45 -15.90
CA GLU A 203 -15.10 -19.74 -16.58
C GLU A 203 -14.66 -19.21 -17.95
N PHE A 204 -13.38 -18.89 -18.12
CA PHE A 204 -12.86 -18.50 -19.46
C PHE A 204 -12.88 -19.69 -20.43
N VAL A 205 -12.43 -20.84 -19.98
CA VAL A 205 -12.41 -22.02 -20.84
C VAL A 205 -13.80 -22.44 -21.30
N ARG A 206 -14.77 -22.19 -20.42
CA ARG A 206 -16.17 -22.51 -20.61
C ARG A 206 -16.86 -21.60 -21.62
N THR A 207 -16.58 -20.31 -21.55
CA THR A 207 -17.19 -19.32 -22.43
C THR A 207 -16.33 -18.89 -23.64
N SER A 208 -15.02 -19.13 -23.61
CA SER A 208 -14.14 -18.77 -24.75
C SER A 208 -14.54 -19.48 -26.06
N PRO A 209 -14.34 -18.82 -27.21
CA PRO A 209 -14.66 -19.51 -28.47
C PRO A 209 -13.67 -20.65 -28.81
N ALA A 210 -12.42 -20.54 -28.37
CA ALA A 210 -11.45 -21.61 -28.55
C ALA A 210 -11.30 -22.43 -27.25
N GLY A 211 -12.27 -22.28 -26.35
CA GLY A 211 -12.23 -22.90 -25.01
C GLY A 211 -12.08 -24.42 -25.02
N ALA A 212 -12.53 -25.01 -26.12
CA ALA A 212 -12.37 -26.43 -26.43
C ALA A 212 -10.90 -26.80 -26.46
N ARG A 213 -10.09 -25.94 -27.06
CA ARG A 213 -8.67 -26.20 -27.22
C ARG A 213 -7.93 -26.25 -25.90
N TYR A 214 -8.46 -25.59 -24.86
CA TYR A 214 -7.68 -25.35 -23.65
C TYR A 214 -8.20 -26.16 -22.47
N GLU A 215 -9.33 -26.82 -22.68
CA GLU A 215 -10.04 -27.57 -21.67
C GLU A 215 -9.18 -28.67 -21.03
N ALA A 216 -8.37 -29.36 -21.84
CA ALA A 216 -7.56 -30.44 -21.34
C ALA A 216 -6.57 -29.93 -20.30
N LEU A 217 -5.83 -28.86 -20.59
CA LEU A 217 -4.87 -28.31 -19.62
C LEU A 217 -5.59 -27.74 -18.41
N ALA A 218 -6.72 -27.07 -18.61
CA ALA A 218 -7.53 -26.60 -17.50
C ALA A 218 -7.91 -27.72 -16.54
N THR A 219 -8.29 -28.87 -17.10
CA THR A 219 -8.71 -30.01 -16.30
C THR A 219 -7.50 -30.62 -15.57
N GLU A 220 -6.32 -30.62 -16.18
CA GLU A 220 -5.11 -31.15 -15.54
C GLU A 220 -4.76 -30.27 -14.34
N ILE A 221 -4.85 -28.94 -14.51
CA ILE A 221 -4.59 -27.99 -13.42
C ILE A 221 -5.59 -28.25 -12.32
N ASP A 222 -6.85 -28.44 -12.67
CA ASP A 222 -7.88 -28.62 -11.65
C ASP A 222 -7.55 -29.85 -10.80
N ARG A 223 -7.19 -30.92 -11.49
CA ARG A 223 -6.77 -32.17 -10.87
C ARG A 223 -5.40 -32.10 -10.17
N GLY A 224 -4.49 -31.21 -10.60
CA GLY A 224 -3.26 -30.96 -9.82
C GLY A 224 -3.59 -30.20 -8.54
N LEU A 225 -4.61 -29.34 -8.61
CA LEU A 225 -5.11 -28.65 -7.41
C LEU A 225 -5.81 -29.58 -6.42
N ARG A 226 -6.73 -30.37 -6.94
CA ARG A 226 -7.41 -31.27 -6.06
C ARG A 226 -6.40 -32.24 -5.44
N PHE A 227 -5.35 -32.61 -6.18
CA PHE A 227 -4.35 -33.55 -5.67
C PHE A 227 -3.72 -32.99 -4.39
N MET A 228 -3.46 -31.68 -4.35
CA MET A 228 -2.87 -31.04 -3.16
C MET A 228 -3.74 -31.25 -1.90
N SER A 229 -5.03 -30.90 -2.02
CA SER A 229 -6.03 -31.10 -0.99
C SER A 229 -6.03 -32.58 -0.63
N ALA A 230 -6.04 -33.48 -1.63
CA ALA A 230 -6.09 -34.95 -1.38
C ALA A 230 -4.89 -35.46 -0.58
N CYS A 231 -3.73 -34.84 -0.79
CA CYS A 231 -2.53 -35.19 -0.03
C CYS A 231 -2.37 -34.47 1.32
N GLY A 232 -3.36 -33.70 1.71
CA GLY A 232 -3.33 -32.83 2.90
C GLY A 232 -2.18 -31.81 3.04
N VAL A 233 -1.63 -31.27 1.97
N VAL A 233 -1.72 -31.31 1.91
CA VAL A 233 -0.60 -30.22 2.19
CA VAL A 233 -1.42 -29.90 1.81
C VAL A 233 -1.17 -29.03 2.98
C VAL A 233 -2.65 -29.14 1.25
N ALA A 234 -0.32 -28.29 3.68
N ALA A 234 -2.39 -28.10 0.46
CA ALA A 234 -0.81 -27.09 4.38
CA ALA A 234 -3.37 -27.02 0.24
C ALA A 234 -1.05 -26.04 3.28
C ALA A 234 -3.39 -26.12 1.47
N ASP A 235 -2.06 -25.19 3.40
N ASP A 235 -2.23 -25.56 1.77
CA ASP A 235 -2.42 -24.40 2.24
CA ASP A 235 -2.07 -24.63 2.88
C ASP A 235 -2.21 -22.90 2.31
C ASP A 235 -2.13 -23.16 2.45
N ARG A 236 -1.57 -22.35 3.34
CA ARG A 236 -1.59 -20.90 3.33
C ARG A 236 -0.85 -20.36 2.13
N ASN A 237 0.15 -21.06 1.61
N ASN A 237 0.12 -21.12 1.64
CA ASN A 237 0.83 -20.46 0.45
CA ASN A 237 0.87 -20.69 0.44
C ASN A 237 0.04 -20.49 -0.85
C ASN A 237 0.01 -20.46 -0.79
N LEU A 238 -1.10 -21.19 -0.86
CA LEU A 238 -2.08 -21.04 -1.94
C LEU A 238 -2.96 -19.79 -1.84
N GLN A 239 -3.03 -19.18 -0.66
CA GLN A 239 -3.99 -18.09 -0.41
C GLN A 239 -3.60 -16.71 -0.98
N THR A 240 -2.32 -16.48 -1.22
CA THR A 240 -1.81 -15.15 -1.64
C THR A 240 -0.61 -15.37 -2.60
N ALA A 241 -0.17 -14.28 -3.21
CA ALA A 241 0.95 -14.24 -4.15
C ALA A 241 1.56 -12.83 -4.08
N GLU A 242 2.81 -12.76 -4.51
CA GLU A 242 3.62 -11.57 -4.59
C GLU A 242 3.55 -10.99 -6.01
N ILE A 243 3.11 -9.75 -6.11
CA ILE A 243 3.15 -9.08 -7.39
C ILE A 243 4.07 -7.91 -7.17
N TYR A 244 5.22 -8.00 -7.82
CA TYR A 244 6.21 -6.90 -7.83
C TYR A 244 5.87 -5.79 -8.80
N ALA A 245 6.35 -4.57 -8.54
CA ALA A 245 6.18 -3.41 -9.47
C ALA A 245 7.40 -3.08 -10.34
N SER A 246 7.09 -2.61 -11.56
CA SER A 246 8.08 -2.26 -12.55
C SER A 246 7.59 -1.20 -13.51
N HIS A 247 8.57 -0.47 -14.06
CA HIS A 247 8.31 0.41 -15.19
C HIS A 247 9.59 0.76 -15.92
N GLU A 248 9.49 1.28 -17.12
CA GLU A 248 10.68 1.83 -17.72
C GLU A 248 11.21 3.02 -16.94
N ALA A 249 12.50 2.98 -16.60
CA ALA A 249 13.18 4.07 -15.89
C ALA A 249 13.53 5.12 -16.97
N LEU A 250 12.82 6.24 -17.02
CA LEU A 250 12.97 7.17 -18.17
C LEU A 250 13.21 8.58 -17.76
N VAL A 251 12.43 9.05 -16.79
CA VAL A 251 12.63 10.36 -16.19
C VAL A 251 13.63 10.45 -15.09
N LEU A 252 14.83 10.86 -15.46
CA LEU A 252 15.85 10.76 -14.44
C LEU A 252 15.60 11.73 -13.30
N ASP A 253 14.83 12.80 -13.49
CA ASP A 253 14.50 13.66 -12.32
C ASP A 253 13.67 12.87 -11.25
N TYR A 254 12.83 11.95 -11.71
CA TYR A 254 11.88 11.19 -10.88
C TYR A 254 12.68 10.07 -10.23
N GLU A 255 13.41 9.30 -11.05
CA GLU A 255 14.14 8.16 -10.53
C GLU A 255 15.26 8.54 -9.55
N ARG A 256 15.98 9.64 -9.81
CA ARG A 256 17.03 10.00 -8.85
C ARG A 256 16.46 10.48 -7.53
N ALA A 257 15.32 11.15 -7.54
CA ALA A 257 14.70 11.66 -6.30
C ALA A 257 14.22 10.51 -5.42
N MET A 258 13.81 9.44 -6.09
CA MET A 258 13.28 8.26 -5.40
C MET A 258 14.42 7.37 -4.89
N LEU A 259 15.67 7.77 -5.08
CA LEU A 259 16.72 6.94 -4.47
C LEU A 259 16.79 6.96 -2.96
N ARG A 260 17.10 5.80 -2.37
CA ARG A 260 17.32 5.80 -0.93
C ARG A 260 18.51 4.87 -0.63
N LEU A 261 19.15 5.06 0.51
CA LEU A 261 20.19 4.17 1.07
C LEU A 261 19.47 3.16 1.90
N SER A 262 19.76 1.85 1.82
CA SER A 262 19.21 0.90 2.78
C SER A 262 19.93 1.08 4.12
N ASP A 263 19.38 0.45 5.14
CA ASP A 263 19.76 0.71 6.54
C ASP A 263 20.99 -0.09 6.97
N GLY A 264 21.45 -0.99 6.10
CA GLY A 264 22.56 -1.89 6.45
C GLY A 264 22.49 -2.48 7.87
N PRO A 269 24.70 -1.12 3.30
CA PRO A 269 24.01 0.05 2.74
C PRO A 269 24.35 0.20 1.28
N GLN A 270 23.34 -0.01 0.43
CA GLN A 270 23.49 0.25 -0.99
C GLN A 270 22.39 1.20 -1.46
N LEU A 271 22.59 1.76 -2.65
CA LEU A 271 21.58 2.59 -3.32
C LEU A 271 20.50 1.76 -3.97
N PHE A 272 19.27 2.05 -3.56
CA PHE A 272 18.12 1.52 -4.22
C PHE A 272 17.23 2.62 -4.84
N ASP A 273 16.75 2.40 -6.05
CA ASP A 273 15.57 3.12 -6.52
C ASP A 273 14.30 2.49 -5.93
N LEU A 274 13.68 3.28 -5.06
CA LEU A 274 12.44 2.92 -4.38
C LEU A 274 11.18 3.51 -5.02
N SER A 275 11.26 3.80 -6.31
CA SER A 275 10.04 3.98 -7.04
C SER A 275 9.40 2.72 -7.58
N ALA A 276 10.11 1.59 -7.54
CA ALA A 276 9.64 0.35 -8.19
C ALA A 276 10.49 -0.76 -7.54
N HIS A 277 10.18 -2.03 -7.78
CA HIS A 277 11.11 -3.12 -7.39
C HIS A 277 12.22 -3.30 -8.43
N THR A 278 11.83 -3.30 -9.71
CA THR A 278 12.76 -3.47 -10.81
C THR A 278 12.36 -2.59 -11.97
N VAL A 279 13.35 -2.09 -12.69
CA VAL A 279 13.09 -1.06 -13.69
C VAL A 279 13.91 -1.52 -14.89
N TRP A 280 13.50 -1.13 -16.11
CA TRP A 280 14.29 -1.44 -17.29
C TRP A 280 14.63 -0.18 -18.10
N ILE A 281 15.62 -0.29 -19.00
CA ILE A 281 16.00 0.78 -19.92
C ILE A 281 15.55 0.40 -21.33
N GLY A 282 14.90 1.37 -21.96
CA GLY A 282 14.31 1.23 -23.26
C GLY A 282 15.24 1.29 -24.43
N GLU A 283 14.67 0.97 -25.58
CA GLU A 283 15.48 0.80 -26.76
C GLU A 283 16.03 2.20 -27.17
N ARG A 284 15.39 3.26 -26.74
CA ARG A 284 15.82 4.61 -27.11
C ARG A 284 16.70 5.35 -26.08
N THR A 285 17.06 4.68 -25.00
CA THR A 285 17.78 5.40 -23.93
C THR A 285 18.91 4.57 -23.40
N ARG A 286 19.23 3.47 -24.11
CA ARG A 286 20.23 2.51 -23.66
C ARG A 286 21.63 2.76 -24.21
N GLN A 287 21.89 4.01 -24.62
CA GLN A 287 23.26 4.42 -24.96
C GLN A 287 24.24 3.88 -23.87
N ILE A 288 25.28 3.17 -24.31
CA ILE A 288 26.21 2.49 -23.41
C ILE A 288 26.95 3.52 -22.53
N ASP A 289 27.21 4.70 -23.07
CA ASP A 289 27.77 5.76 -22.27
C ASP A 289 26.78 6.86 -21.89
N GLY A 290 25.49 6.60 -21.90
CA GLY A 290 24.53 7.65 -21.55
C GLY A 290 24.13 7.50 -20.09
N ALA A 291 23.31 8.42 -19.59
CA ALA A 291 23.03 8.49 -18.17
C ALA A 291 22.11 7.34 -17.69
N HIS A 292 21.25 6.80 -18.55
CA HIS A 292 20.30 5.78 -18.13
C HIS A 292 21.03 4.54 -17.74
N ILE A 293 21.95 4.13 -18.62
CA ILE A 293 22.88 3.07 -18.29
C ILE A 293 23.75 3.34 -17.04
N ALA A 294 24.26 4.57 -16.88
CA ALA A 294 25.11 4.91 -15.74
C ALA A 294 24.28 4.92 -14.47
N PHE A 295 22.98 5.21 -14.59
CA PHE A 295 22.03 5.09 -13.48
C PHE A 295 21.69 3.64 -13.12
N ALA A 296 21.38 2.82 -14.12
CA ALA A 296 21.20 1.39 -13.87
C ALA A 296 22.40 0.79 -13.15
N GLN A 297 23.60 1.34 -13.40
CA GLN A 297 24.88 0.77 -12.89
C GLN A 297 24.98 1.00 -11.39
N VAL A 298 24.45 2.14 -10.97
CA VAL A 298 24.66 2.60 -9.62
C VAL A 298 23.63 2.02 -8.66
N ILE A 299 22.44 1.61 -9.12
CA ILE A 299 21.37 1.21 -8.21
C ILE A 299 21.52 -0.28 -7.95
N ALA A 300 21.06 -0.74 -6.80
CA ALA A 300 21.09 -2.19 -6.57
C ALA A 300 19.90 -2.99 -7.07
N ASN A 301 18.88 -2.35 -7.65
CA ASN A 301 17.66 -3.07 -8.04
C ASN A 301 18.07 -4.01 -9.16
N PRO A 302 17.34 -5.12 -9.37
CA PRO A 302 17.47 -5.86 -10.63
C PRO A 302 17.05 -4.94 -11.77
N VAL A 303 17.75 -5.03 -12.90
CA VAL A 303 17.49 -4.16 -14.04
C VAL A 303 17.32 -4.96 -15.33
N GLY A 304 16.57 -4.38 -16.27
CA GLY A 304 16.41 -4.99 -17.60
C GLY A 304 16.82 -3.98 -18.67
N VAL A 305 17.30 -4.52 -19.79
CA VAL A 305 17.57 -3.72 -21.00
C VAL A 305 16.92 -4.35 -22.24
N LYS A 306 16.17 -3.52 -22.98
CA LYS A 306 15.50 -3.99 -24.21
C LYS A 306 16.45 -4.09 -25.40
N LEU A 307 16.37 -5.20 -26.13
CA LEU A 307 17.40 -5.50 -27.10
C LEU A 307 16.63 -5.77 -28.37
N GLY A 308 16.71 -4.83 -29.29
CA GLY A 308 15.89 -4.87 -30.48
C GLY A 308 16.74 -5.38 -31.61
N PRO A 309 16.20 -5.33 -32.84
CA PRO A 309 16.87 -6.05 -33.92
C PRO A 309 18.20 -5.45 -34.38
N ASN A 310 18.49 -4.22 -33.99
CA ASN A 310 19.81 -3.65 -34.29
C ASN A 310 20.93 -4.08 -33.34
N MET A 311 20.62 -4.81 -32.27
CA MET A 311 21.62 -5.20 -31.28
C MET A 311 22.69 -6.10 -31.90
N THR A 312 23.90 -5.96 -31.37
CA THR A 312 25.01 -6.84 -31.69
C THR A 312 25.34 -7.62 -30.42
N PRO A 313 25.94 -8.81 -30.58
CA PRO A 313 26.48 -9.61 -29.48
C PRO A 313 27.46 -8.82 -28.64
N GLU A 314 28.27 -8.00 -29.32
CA GLU A 314 29.36 -7.30 -28.69
C GLU A 314 28.77 -6.22 -27.80
N LEU A 315 27.75 -5.53 -28.28
CA LEU A 315 27.08 -4.51 -27.49
C LEU A 315 26.32 -5.12 -26.30
N ALA A 316 25.73 -6.31 -26.47
CA ALA A 316 24.95 -6.98 -25.43
C ALA A 316 25.91 -7.44 -24.35
N VAL A 317 27.13 -7.80 -24.74
CA VAL A 317 28.21 -8.01 -23.76
C VAL A 317 28.61 -6.80 -22.93
N GLU A 318 28.76 -5.64 -23.57
CA GLU A 318 29.15 -4.43 -22.84
C GLU A 318 28.05 -4.13 -21.81
N TYR A 319 26.81 -4.47 -22.14
CA TYR A 319 25.73 -4.29 -21.13
C TYR A 319 25.98 -5.15 -19.91
N VAL A 320 26.27 -6.42 -20.16
CA VAL A 320 26.68 -7.35 -19.12
C VAL A 320 27.85 -6.86 -18.27
N GLU A 321 28.92 -6.39 -18.89
CA GLU A 321 30.05 -5.93 -18.10
C GLU A 321 29.73 -4.67 -17.32
N ARG A 322 28.89 -3.83 -17.88
CA ARG A 322 28.53 -2.62 -17.18
C ARG A 322 27.60 -2.92 -16.06
N LEU A 323 26.52 -3.65 -16.39
CA LEU A 323 25.42 -3.78 -15.43
C LEU A 323 25.51 -4.97 -14.50
N ASP A 324 26.29 -6.00 -14.85
CA ASP A 324 26.51 -7.14 -13.95
C ASP A 324 27.99 -7.38 -13.65
N PRO A 325 28.68 -6.36 -13.12
CA PRO A 325 30.14 -6.39 -12.95
C PRO A 325 30.61 -7.44 -11.98
N HIS A 326 29.79 -7.71 -10.96
CA HIS A 326 30.13 -8.66 -9.90
C HIS A 326 29.62 -10.07 -10.13
N ASN A 327 28.95 -10.29 -11.26
CA ASN A 327 28.47 -11.63 -11.58
C ASN A 327 27.45 -12.12 -10.56
N LYS A 328 26.37 -11.34 -10.39
CA LYS A 328 25.22 -11.72 -9.57
C LYS A 328 24.12 -12.20 -10.49
N PRO A 329 23.84 -13.51 -10.48
CA PRO A 329 22.80 -14.03 -11.35
C PRO A 329 21.47 -13.38 -11.07
N GLY A 330 20.79 -13.10 -12.16
CA GLY A 330 19.47 -12.54 -12.06
C GLY A 330 19.49 -11.03 -11.96
N ARG A 331 20.64 -10.43 -11.66
CA ARG A 331 20.73 -8.98 -11.54
C ARG A 331 20.39 -8.29 -12.84
N LEU A 332 20.74 -8.93 -13.97
CA LEU A 332 20.52 -8.37 -15.31
C LEU A 332 19.60 -9.22 -16.13
N THR A 333 18.61 -8.57 -16.73
CA THR A 333 17.66 -9.24 -17.56
C THR A 333 17.82 -8.67 -18.98
N LEU A 334 18.13 -9.52 -19.96
CA LEU A 334 18.16 -9.03 -21.34
C LEU A 334 16.86 -9.44 -22.03
N VAL A 335 16.17 -8.45 -22.60
CA VAL A 335 14.75 -8.58 -22.96
C VAL A 335 14.56 -8.65 -24.47
N SER A 336 14.37 -9.82 -25.07
CA SER A 336 14.56 -9.83 -26.52
C SER A 336 13.31 -9.21 -27.10
N ARG A 337 13.39 -8.27 -28.03
CA ARG A 337 12.22 -7.93 -28.88
C ARG A 337 12.56 -7.69 -30.34
N MET A 338 12.38 -8.72 -31.16
CA MET A 338 13.05 -8.79 -32.48
C MET A 338 12.10 -8.70 -33.67
N GLY A 339 10.84 -9.03 -33.44
CA GLY A 339 9.87 -9.38 -34.47
C GLY A 339 9.90 -10.88 -34.59
N ASN A 340 8.75 -11.51 -34.91
CA ASN A 340 8.61 -12.96 -35.04
C ASN A 340 9.39 -13.52 -36.21
N HIS A 341 9.55 -12.68 -37.22
CA HIS A 341 10.27 -13.03 -38.43
C HIS A 341 11.77 -12.91 -38.25
N LYS A 342 12.24 -12.33 -37.14
CA LYS A 342 13.66 -12.09 -36.93
C LYS A 342 14.27 -12.79 -35.70
N VAL A 343 13.44 -13.18 -34.72
CA VAL A 343 13.93 -13.78 -33.48
C VAL A 343 14.83 -15.00 -33.69
N ARG A 344 14.40 -15.95 -34.51
CA ARG A 344 15.16 -17.20 -34.75
C ARG A 344 16.57 -16.96 -35.31
N ASP A 345 16.70 -15.94 -36.14
CA ASP A 345 17.99 -15.52 -36.72
C ASP A 345 18.84 -14.62 -35.83
N LEU A 346 18.23 -13.60 -35.26
CA LEU A 346 19.01 -12.56 -34.59
C LEU A 346 19.44 -12.96 -33.19
N LEU A 347 18.59 -13.66 -32.47
CA LEU A 347 18.87 -13.91 -31.07
C LEU A 347 20.02 -14.92 -30.81
N PRO A 348 20.11 -16.00 -31.62
CA PRO A 348 21.13 -16.96 -31.20
C PRO A 348 22.51 -16.40 -31.01
N PRO A 349 23.00 -15.53 -31.92
CA PRO A 349 24.36 -15.06 -31.73
C PRO A 349 24.55 -14.30 -30.42
N ILE A 350 23.55 -13.50 -30.08
CA ILE A 350 23.58 -12.67 -28.88
C ILE A 350 23.66 -13.61 -27.67
N VAL A 351 22.80 -14.62 -27.60
CA VAL A 351 22.84 -15.57 -26.49
C VAL A 351 24.22 -16.24 -26.36
N GLU A 352 24.75 -16.79 -27.46
CA GLU A 352 26.04 -17.50 -27.46
C GLU A 352 27.14 -16.64 -26.90
N LYS A 353 27.19 -15.40 -27.33
CA LYS A 353 28.25 -14.51 -26.91
C LYS A 353 28.09 -14.06 -25.44
N VAL A 354 26.89 -13.71 -25.01
CA VAL A 354 26.70 -13.40 -23.59
C VAL A 354 26.93 -14.62 -22.72
N GLN A 355 26.41 -15.79 -23.09
CA GLN A 355 26.64 -17.00 -22.26
C GLN A 355 28.12 -17.24 -21.99
N ALA A 356 28.94 -16.85 -22.96
CA ALA A 356 30.36 -17.19 -23.02
C ALA A 356 31.14 -16.29 -22.06
N THR A 357 30.53 -15.18 -21.64
CA THR A 357 31.11 -14.37 -20.57
C THR A 357 31.15 -15.10 -19.25
N GLY A 358 30.35 -16.14 -19.05
CA GLY A 358 30.23 -16.79 -17.74
C GLY A 358 29.22 -16.18 -16.75
N HIS A 359 28.64 -15.04 -17.13
CA HIS A 359 27.50 -14.44 -16.41
C HIS A 359 26.13 -15.08 -16.58
N GLN A 360 25.27 -15.03 -15.56
CA GLN A 360 23.94 -15.61 -15.71
C GLN A 360 22.86 -14.54 -15.73
N VAL A 361 22.42 -14.20 -16.93
CA VAL A 361 21.43 -13.11 -17.14
C VAL A 361 20.10 -13.82 -17.28
N ILE A 362 19.01 -13.13 -17.00
CA ILE A 362 17.74 -13.66 -17.45
C ILE A 362 17.49 -13.31 -18.90
N TRP A 363 16.93 -14.28 -19.65
CA TRP A 363 16.63 -14.15 -21.07
C TRP A 363 15.13 -14.08 -21.11
N GLN A 364 14.57 -12.89 -21.38
CA GLN A 364 13.13 -12.69 -21.31
C GLN A 364 12.69 -12.22 -22.69
N CYS A 365 11.58 -12.75 -23.17
CA CYS A 365 10.98 -12.35 -24.45
C CYS A 365 9.89 -11.25 -24.35
N ASP A 366 10.07 -10.10 -25.01
CA ASP A 366 8.98 -9.12 -25.22
C ASP A 366 8.54 -9.30 -26.69
N PRO A 367 7.48 -10.07 -26.91
CA PRO A 367 6.92 -10.41 -28.20
C PRO A 367 5.97 -9.33 -28.72
N MET A 368 5.89 -8.23 -28.00
CA MET A 368 5.01 -7.12 -28.38
C MET A 368 5.68 -6.08 -29.26
N HIS A 369 6.83 -5.54 -28.85
CA HIS A 369 7.27 -4.26 -29.41
C HIS A 369 7.85 -4.34 -30.81
N GLY A 370 8.35 -5.50 -31.24
CA GLY A 370 8.82 -5.65 -32.61
C GLY A 370 7.77 -6.15 -33.61
N ASN A 371 6.50 -6.17 -33.22
CA ASN A 371 5.45 -6.81 -34.01
C ASN A 371 4.25 -5.88 -34.17
N THR A 372 4.54 -4.59 -34.29
CA THR A 372 3.50 -3.56 -34.29
C THR A 372 3.33 -3.10 -35.73
N HIS A 373 2.11 -3.06 -36.22
CA HIS A 373 1.86 -2.56 -37.57
C HIS A 373 0.63 -1.66 -37.53
N GLU A 374 0.42 -0.89 -38.60
CA GLU A 374 -0.76 -0.02 -38.73
C GLU A 374 -1.84 -0.71 -39.56
N SER A 375 -3.08 -0.63 -39.09
CA SER A 375 -4.22 -1.23 -39.78
C SER A 375 -4.73 -0.27 -40.84
N SER A 376 -5.35 -0.79 -41.90
CA SER A 376 -5.97 0.08 -42.92
C SER A 376 -7.01 1.02 -42.32
N THR A 377 -7.54 0.68 -41.15
CA THR A 377 -8.50 1.53 -40.46
C THR A 377 -7.81 2.58 -39.58
N GLY A 378 -6.49 2.70 -39.71
CA GLY A 378 -5.74 3.74 -39.04
C GLY A 378 -5.24 3.46 -37.63
N PHE A 379 -5.51 2.30 -37.04
CA PHE A 379 -5.00 2.06 -35.68
C PHE A 379 -3.67 1.33 -35.64
N LYS A 380 -2.81 1.76 -34.70
CA LYS A 380 -1.62 1.00 -34.31
C LYS A 380 -2.06 -0.33 -33.72
N THR A 381 -1.55 -1.43 -34.26
CA THR A 381 -2.02 -2.73 -33.82
C THR A 381 -0.98 -3.84 -33.95
N ARG A 382 -1.30 -5.01 -33.45
CA ARG A 382 -0.31 -6.09 -33.41
C ARG A 382 -1.11 -7.37 -33.71
N HIS A 383 -0.67 -8.26 -34.59
N HIS A 383 -0.62 -8.25 -34.57
CA HIS A 383 -1.37 -9.54 -34.64
CA HIS A 383 -1.28 -9.55 -34.72
C HIS A 383 -1.07 -10.43 -33.47
C HIS A 383 -1.05 -10.47 -33.50
N PHE A 384 -2.13 -11.06 -32.97
CA PHE A 384 -2.03 -12.10 -31.97
C PHE A 384 -1.09 -13.21 -32.41
N ASP A 385 -1.23 -13.71 -33.65
CA ASP A 385 -0.39 -14.79 -34.13
C ASP A 385 1.08 -14.38 -34.24
N ARG A 386 1.37 -13.10 -34.46
CA ARG A 386 2.78 -12.76 -34.58
C ARG A 386 3.40 -12.80 -33.19
N ILE A 387 2.64 -12.30 -32.23
CA ILE A 387 3.07 -12.23 -30.86
C ILE A 387 3.44 -13.62 -30.35
N VAL A 388 2.56 -14.59 -30.60
CA VAL A 388 2.71 -15.99 -30.17
C VAL A 388 3.94 -16.59 -30.79
N ASP A 389 4.14 -16.26 -32.06
CA ASP A 389 5.18 -16.92 -32.84
C ASP A 389 6.54 -16.32 -32.49
N GLU A 390 6.60 -15.08 -32.00
CA GLU A 390 7.87 -14.62 -31.44
C GLU A 390 8.27 -15.41 -30.19
N VAL A 391 7.31 -15.67 -29.30
CA VAL A 391 7.60 -16.53 -28.13
C VAL A 391 8.01 -17.97 -28.52
N GLN A 392 7.29 -18.52 -29.50
CA GLN A 392 7.58 -19.85 -29.99
C GLN A 392 9.02 -19.87 -30.48
N GLY A 393 9.37 -18.93 -31.33
CA GLY A 393 10.75 -18.79 -31.78
C GLY A 393 11.79 -18.60 -30.69
N PHE A 394 11.46 -17.78 -29.69
CA PHE A 394 12.33 -17.50 -28.54
C PHE A 394 12.66 -18.81 -27.84
N PHE A 395 11.63 -19.63 -27.73
CA PHE A 395 11.72 -20.96 -27.18
C PHE A 395 12.64 -21.90 -27.98
N GLU A 396 12.46 -21.90 -29.30
CA GLU A 396 13.30 -22.71 -30.21
C GLU A 396 14.75 -22.31 -30.08
N VAL A 397 14.99 -21.01 -30.01
CA VAL A 397 16.34 -20.51 -29.87
C VAL A 397 17.03 -21.10 -28.66
N HIS A 398 16.47 -20.88 -27.47
CA HIS A 398 16.97 -21.49 -26.23
C HIS A 398 17.10 -23.02 -26.19
N ARG A 399 16.12 -23.74 -26.72
CA ARG A 399 16.16 -25.19 -26.77
C ARG A 399 17.39 -25.67 -27.57
N ALA A 400 17.50 -25.22 -28.81
CA ALA A 400 18.72 -25.32 -29.63
C ALA A 400 20.03 -25.06 -28.85
N LEU A 401 20.08 -24.00 -28.05
CA LEU A 401 21.32 -23.71 -27.36
C LEU A 401 21.43 -24.31 -25.96
N GLY A 402 20.41 -24.96 -25.46
CA GLY A 402 20.46 -25.51 -24.10
C GLY A 402 20.48 -24.44 -23.01
N THR A 403 19.96 -23.26 -23.36
CA THR A 403 19.83 -22.14 -22.43
C THR A 403 18.39 -22.01 -21.93
N HIS A 404 18.18 -21.22 -20.90
CA HIS A 404 16.88 -21.13 -20.26
C HIS A 404 15.96 -20.08 -20.95
N PRO A 405 14.84 -20.52 -21.54
CA PRO A 405 13.87 -19.47 -21.88
C PRO A 405 13.21 -18.85 -20.63
N GLY A 406 13.67 -17.68 -20.22
CA GLY A 406 13.52 -17.27 -18.82
C GLY A 406 12.20 -16.66 -18.39
N GLY A 407 11.49 -16.05 -19.32
CA GLY A 407 10.29 -15.32 -18.96
C GLY A 407 9.73 -14.61 -20.16
N ILE A 408 8.61 -13.91 -19.95
CA ILE A 408 8.08 -13.00 -20.97
C ILE A 408 7.69 -11.59 -20.47
N HIS A 409 7.60 -10.63 -21.38
CA HIS A 409 7.30 -9.23 -21.01
C HIS A 409 6.24 -8.76 -22.00
N VAL A 410 5.00 -8.60 -21.53
CA VAL A 410 3.85 -8.31 -22.40
C VAL A 410 3.02 -7.12 -21.93
N GLU A 411 2.23 -6.60 -22.85
CA GLU A 411 1.31 -5.50 -22.56
C GLU A 411 -0.12 -5.99 -22.67
N ILE A 412 -0.77 -5.93 -21.52
CA ILE A 412 -1.97 -6.64 -21.23
C ILE A 412 -2.84 -5.71 -20.43
N THR A 413 -4.14 -5.93 -20.50
CA THR A 413 -5.02 -5.37 -19.53
C THR A 413 -6.18 -6.31 -19.23
N GLY A 414 -6.76 -6.15 -18.03
CA GLY A 414 -7.98 -6.82 -17.61
C GLY A 414 -9.26 -6.46 -18.34
N GLU A 415 -9.21 -5.35 -19.06
CA GLU A 415 -10.36 -4.75 -19.73
C GLU A 415 -10.57 -5.54 -21.02
N ASN A 416 -11.76 -5.44 -21.59
CA ASN A 416 -12.04 -6.10 -22.87
C ASN A 416 -11.97 -5.10 -24.02
N VAL A 417 -10.78 -4.53 -24.19
CA VAL A 417 -10.38 -3.65 -25.27
C VAL A 417 -10.26 -4.39 -26.61
N THR A 418 -10.15 -3.61 -27.68
CA THR A 418 -9.95 -4.16 -29.00
C THR A 418 -8.77 -3.48 -29.62
N GLU A 419 -7.62 -4.02 -29.30
CA GLU A 419 -6.43 -3.28 -29.62
C GLU A 419 -5.52 -4.11 -30.44
N CYS A 420 -5.43 -5.39 -30.09
CA CYS A 420 -4.66 -6.31 -30.86
C CYS A 420 -5.66 -7.12 -31.67
N LEU A 421 -5.30 -7.47 -32.91
CA LEU A 421 -6.15 -8.27 -33.79
C LEU A 421 -5.97 -9.74 -33.44
N GLY A 422 -6.98 -10.52 -33.76
CA GLY A 422 -6.83 -11.98 -33.70
C GLY A 422 -7.16 -12.49 -32.33
N GLY A 423 -6.54 -13.62 -31.96
CA GLY A 423 -6.97 -14.35 -30.76
C GLY A 423 -8.23 -15.15 -31.04
N ALA A 424 -8.73 -15.87 -30.03
CA ALA A 424 -9.94 -16.64 -30.16
C ALA A 424 -11.17 -15.79 -30.52
N GLN A 425 -11.14 -14.53 -30.13
CA GLN A 425 -12.28 -13.65 -30.37
C GLN A 425 -12.24 -13.18 -31.83
N ASP A 426 -11.13 -13.44 -32.49
CA ASP A 426 -10.92 -12.99 -33.86
C ASP A 426 -11.26 -11.53 -34.04
N ILE A 427 -10.60 -10.71 -33.23
CA ILE A 427 -10.58 -9.28 -33.40
C ILE A 427 -10.06 -8.89 -34.78
N SER A 428 -10.90 -8.14 -35.48
CA SER A 428 -10.68 -7.82 -36.88
C SER A 428 -10.38 -6.32 -37.00
N GLU A 429 -10.05 -5.86 -38.20
CA GLU A 429 -9.63 -4.46 -38.38
C GLU A 429 -10.77 -3.49 -38.07
N THR A 430 -11.98 -3.96 -38.30
CA THR A 430 -13.17 -3.19 -38.00
C THR A 430 -13.49 -3.18 -36.51
N ASP A 431 -13.13 -4.23 -35.77
CA ASP A 431 -13.46 -4.28 -34.34
C ASP A 431 -12.61 -3.28 -33.55
N LEU A 432 -11.46 -2.88 -34.11
CA LEU A 432 -10.48 -2.03 -33.43
C LEU A 432 -11.11 -0.74 -32.88
N ALA A 433 -12.05 -0.16 -33.62
CA ALA A 433 -12.63 1.11 -33.20
C ALA A 433 -13.52 1.00 -31.97
N GLY A 434 -14.09 -0.16 -31.65
CA GLY A 434 -15.05 -0.25 -30.56
C GLY A 434 -14.50 0.21 -29.22
N ARG A 435 -13.46 -0.49 -28.76
CA ARG A 435 -12.82 -0.13 -27.48
C ARG A 435 -11.30 -0.10 -27.63
N TYR A 436 -10.79 0.87 -28.39
CA TYR A 436 -9.33 1.00 -28.49
C TYR A 436 -9.05 2.13 -27.52
N GLU A 437 -8.51 1.83 -26.33
CA GLU A 437 -8.41 2.80 -25.23
C GLU A 437 -7.01 3.09 -24.73
N THR A 438 -6.02 2.38 -25.24
CA THR A 438 -4.66 2.53 -24.76
C THR A 438 -4.22 3.98 -24.98
N ALA A 439 -3.40 4.53 -24.09
CA ALA A 439 -2.80 5.82 -24.39
C ALA A 439 -1.51 5.68 -25.21
N CYS A 440 -1.04 4.46 -25.46
CA CYS A 440 0.15 4.28 -26.24
C CYS A 440 0.04 3.03 -27.13
N ASP A 441 0.78 1.96 -26.83
CA ASP A 441 0.75 0.77 -27.70
C ASP A 441 -0.49 -0.14 -27.53
N PRO A 442 -0.83 -0.94 -28.56
CA PRO A 442 -1.96 -1.87 -28.36
C PRO A 442 -1.66 -3.05 -27.38
N ARG A 443 -2.57 -3.26 -26.45
CA ARG A 443 -2.43 -4.30 -25.42
C ARG A 443 -3.21 -5.54 -25.79
N LEU A 444 -2.76 -6.71 -25.35
CA LEU A 444 -3.65 -7.84 -25.22
C LEU A 444 -4.74 -7.52 -24.25
N ASN A 445 -5.96 -7.84 -24.64
CA ASN A 445 -7.03 -7.78 -23.69
C ASN A 445 -7.04 -9.02 -22.77
N THR A 446 -7.94 -9.03 -21.80
CA THR A 446 -7.94 -10.09 -20.80
C THR A 446 -8.06 -11.50 -21.40
N GLN A 447 -9.00 -11.72 -22.31
CA GLN A 447 -9.05 -13.00 -23.01
C GLN A 447 -7.79 -13.37 -23.77
N GLN A 448 -7.17 -12.43 -24.49
CA GLN A 448 -6.05 -12.76 -25.37
C GLN A 448 -4.81 -13.05 -24.51
N SER A 449 -4.78 -12.44 -23.33
CA SER A 449 -3.63 -12.63 -22.46
C SER A 449 -3.69 -13.96 -21.74
N LEU A 450 -4.89 -14.41 -21.35
CA LEU A 450 -5.03 -15.79 -20.83
C LEU A 450 -4.79 -16.79 -21.97
N GLU A 451 -5.22 -16.46 -23.17
CA GLU A 451 -5.01 -17.40 -24.28
C GLU A 451 -3.55 -17.55 -24.52
N LEU A 452 -2.78 -16.47 -24.37
CA LEU A 452 -1.35 -16.55 -24.60
C LEU A 452 -0.58 -17.31 -23.51
N ALA A 453 -1.03 -17.16 -22.27
CA ALA A 453 -0.50 -17.99 -21.19
C ALA A 453 -0.64 -19.51 -21.44
N PHE A 454 -1.83 -19.96 -21.86
CA PHE A 454 -2.11 -21.39 -22.20
C PHE A 454 -1.21 -21.87 -23.32
N LEU A 455 -1.08 -21.05 -24.33
CA LEU A 455 -0.29 -21.44 -25.49
C LEU A 455 1.19 -21.46 -25.12
N VAL A 456 1.64 -20.54 -24.26
CA VAL A 456 3.02 -20.57 -23.81
C VAL A 456 3.22 -21.72 -22.81
N ALA A 457 2.18 -22.10 -22.09
CA ALA A 457 2.29 -23.11 -21.07
C ALA A 457 2.58 -24.43 -21.84
N GLU A 458 2.04 -24.57 -23.06
CA GLU A 458 2.38 -25.73 -23.89
C GLU A 458 3.81 -25.68 -24.45
N MET A 459 4.34 -24.49 -24.78
CA MET A 459 5.72 -24.43 -25.18
C MET A 459 6.59 -24.93 -24.01
N LEU A 460 6.24 -24.57 -22.78
CA LEU A 460 6.97 -25.04 -21.59
C LEU A 460 6.84 -26.56 -21.37
N ARG A 461 5.68 -27.12 -21.68
CA ARG A 461 5.44 -28.55 -21.52
C ARG A 461 6.07 -29.34 -22.65
N ASP A 462 6.32 -28.69 -23.78
CA ASP A 462 6.63 -29.38 -25.01
C ASP A 462 8.10 -29.79 -25.02
N MET B 1 5.12 25.52 -4.88
CA MET B 1 4.27 25.43 -6.10
C MET B 1 3.12 24.46 -5.80
N ASN B 2 2.37 24.11 -6.85
CA ASN B 2 1.18 23.27 -6.76
C ASN B 2 1.30 22.13 -7.76
N TRP B 3 0.81 20.96 -7.38
CA TRP B 3 0.40 19.97 -8.35
C TRP B 3 -1.11 20.06 -8.54
N THR B 4 -1.57 19.53 -9.67
N THR B 4 -1.57 19.48 -9.64
CA THR B 4 -2.94 19.76 -10.12
CA THR B 4 -2.93 19.73 -10.10
C THR B 4 -3.62 18.44 -10.47
C THR B 4 -3.61 18.42 -10.45
N VAL B 5 -4.84 18.25 -9.98
CA VAL B 5 -5.60 17.08 -10.36
C VAL B 5 -6.88 17.48 -11.04
N ASP B 6 -7.38 16.58 -11.88
CA ASP B 6 -8.56 16.83 -12.69
C ASP B 6 -9.84 16.45 -11.94
N ILE B 7 -10.85 17.31 -11.97
CA ILE B 7 -12.19 16.93 -11.53
C ILE B 7 -12.84 16.05 -12.60
N PRO B 8 -13.13 14.78 -12.27
CA PRO B 8 -13.41 13.76 -13.27
C PRO B 8 -14.74 13.88 -14.03
N ILE B 9 -14.80 13.15 -15.14
CA ILE B 9 -15.76 13.35 -16.24
C ILE B 9 -16.81 14.41 -15.93
N LEU B 15 -20.29 3.03 -11.02
CA LEU B 15 -21.10 3.50 -12.13
C LEU B 15 -22.57 3.05 -12.08
N PRO B 16 -22.84 1.77 -11.73
CA PRO B 16 -24.24 1.46 -11.37
C PRO B 16 -24.67 2.26 -10.14
N PRO B 17 -25.87 2.87 -10.16
CA PRO B 17 -26.21 3.65 -8.97
C PRO B 17 -26.28 2.76 -7.73
N LEU B 18 -26.06 3.35 -6.57
CA LEU B 18 -26.30 2.66 -5.30
C LEU B 18 -27.65 1.98 -5.29
N PRO B 19 -27.75 0.86 -4.58
CA PRO B 19 -29.04 0.27 -4.28
C PRO B 19 -29.99 1.29 -3.64
N THR B 20 -31.24 1.31 -4.05
CA THR B 20 -32.13 2.40 -3.71
C THR B 20 -32.21 2.65 -2.19
N ASP B 21 -32.37 1.59 -1.43
CA ASP B 21 -32.38 1.69 0.02
C ASP B 21 -31.08 2.26 0.64
N LEU B 22 -29.92 2.03 0.00
CA LEU B 22 -28.66 2.53 0.55
C LEU B 22 -28.48 4.05 0.26
N ARG B 23 -28.82 4.49 -0.95
CA ARG B 23 -29.02 5.90 -1.27
C ARG B 23 -29.88 6.63 -0.25
N THR B 24 -31.06 6.07 0.00
CA THR B 24 -32.04 6.67 0.92
C THR B 24 -31.50 6.78 2.32
N ARG B 25 -30.91 5.67 2.76
CA ARG B 25 -30.41 5.63 4.09
C ARG B 25 -29.24 6.57 4.20
N LEU B 26 -28.34 6.61 3.22
CA LEU B 26 -27.15 7.47 3.38
C LEU B 26 -27.55 8.94 3.43
N ASP B 27 -28.51 9.31 2.60
CA ASP B 27 -28.92 10.71 2.51
C ASP B 27 -29.63 11.12 3.81
N ALA B 28 -30.45 10.19 4.37
CA ALA B 28 -31.17 10.40 5.65
C ALA B 28 -30.15 10.57 6.77
N ALA B 29 -29.06 9.79 6.74
CA ALA B 29 -27.97 9.98 7.68
C ALA B 29 -27.31 11.34 7.55
N LEU B 30 -26.96 11.73 6.34
CA LEU B 30 -26.21 12.95 6.19
C LEU B 30 -27.13 14.16 6.17
N ALA B 31 -28.42 13.95 6.35
CA ALA B 31 -29.32 15.11 6.41
C ALA B 31 -29.43 15.60 7.85
N LYS B 32 -29.01 14.75 8.79
CA LYS B 32 -29.01 15.06 10.22
C LYS B 32 -27.96 16.10 10.60
N PRO B 33 -28.12 16.73 11.79
CA PRO B 33 -27.14 17.76 12.02
C PRO B 33 -25.79 17.12 12.33
N ALA B 34 -24.73 17.78 11.86
CA ALA B 34 -23.36 17.34 11.94
C ALA B 34 -22.58 18.40 12.75
N ALA B 35 -22.07 18.08 13.92
CA ALA B 35 -21.11 18.94 14.64
C ALA B 35 -19.68 18.96 14.10
N GLN B 36 -18.94 20.02 14.39
CA GLN B 36 -17.49 20.02 14.20
C GLN B 36 -17.03 19.96 12.73
N GLN B 37 -17.91 20.35 11.82
CA GLN B 37 -17.58 20.29 10.40
C GLN B 37 -16.88 21.54 9.90
N PRO B 38 -15.97 21.38 8.96
CA PRO B 38 -15.30 22.57 8.43
C PRO B 38 -16.32 23.47 7.77
N THR B 39 -16.02 24.74 7.56
CA THR B 39 -16.99 25.64 6.94
C THR B 39 -16.78 26.13 5.50
N TRP B 40 -16.26 25.29 4.61
CA TRP B 40 -15.87 25.72 3.27
C TRP B 40 -17.06 25.67 2.30
N PRO B 41 -16.95 26.30 1.11
CA PRO B 41 -18.14 26.35 0.22
C PRO B 41 -18.57 24.95 -0.27
N ALA B 42 -19.85 24.80 -0.62
CA ALA B 42 -20.52 23.52 -0.90
C ALA B 42 -20.14 23.04 -2.28
N ASP B 43 -19.97 23.98 -3.21
CA ASP B 43 -19.49 23.68 -4.52
C ASP B 43 -18.06 23.18 -4.57
N GLN B 44 -17.18 23.81 -3.79
CA GLN B 44 -15.78 23.39 -3.77
C GLN B 44 -15.70 22.02 -3.07
N ALA B 45 -16.43 21.89 -1.96
CA ALA B 45 -16.51 20.53 -1.33
C ALA B 45 -16.90 19.43 -2.33
N LEU B 46 -18.02 19.66 -3.02
CA LEU B 46 -18.53 18.67 -4.00
C LEU B 46 -17.49 18.31 -5.05
N ALA B 47 -16.76 19.30 -5.58
CA ALA B 47 -15.65 18.97 -6.53
C ALA B 47 -14.66 18.03 -5.85
N MET B 48 -14.26 18.36 -4.64
CA MET B 48 -13.24 17.53 -3.96
C MET B 48 -13.80 16.11 -3.76
N ARG B 49 -15.07 15.97 -3.43
CA ARG B 49 -15.62 14.62 -3.13
C ARG B 49 -15.68 13.83 -4.46
N THR B 50 -15.80 14.56 -5.56
CA THR B 50 -15.97 13.95 -6.85
C THR B 50 -14.61 13.41 -7.28
N VAL B 51 -13.53 14.12 -6.97
CA VAL B 51 -12.18 13.53 -7.05
C VAL B 51 -12.05 12.27 -6.19
N LEU B 52 -12.43 12.31 -4.91
CA LEU B 52 -12.18 11.17 -4.01
C LEU B 52 -13.00 9.92 -4.35
N GLU B 53 -14.15 10.14 -4.98
CA GLU B 53 -15.03 9.07 -5.30
C GLU B 53 -14.45 8.15 -6.37
N SER B 54 -13.38 8.49 -7.06
N SER B 54 -13.40 8.59 -7.06
CA SER B 54 -12.80 7.46 -7.94
CA SER B 54 -12.72 7.73 -8.07
C SER B 54 -11.30 7.22 -7.72
C SER B 54 -11.33 7.21 -7.71
N VAL B 55 -10.78 7.56 -6.55
CA VAL B 55 -9.42 7.19 -6.23
C VAL B 55 -9.41 5.72 -5.74
N PRO B 56 -8.27 4.99 -5.91
CA PRO B 56 -8.03 3.68 -5.28
C PRO B 56 -8.22 3.78 -3.76
N PRO B 57 -9.04 2.93 -3.18
CA PRO B 57 -9.25 2.97 -1.74
C PRO B 57 -7.96 2.70 -0.96
N VAL B 58 -7.93 3.20 0.28
CA VAL B 58 -6.88 2.98 1.23
C VAL B 58 -6.93 1.54 1.78
N THR B 59 -8.13 1.02 2.03
CA THR B 59 -8.38 -0.38 2.43
C THR B 59 -9.34 -1.09 1.50
N VAL B 60 -9.56 -2.40 1.69
CA VAL B 60 -10.56 -3.13 0.90
C VAL B 60 -11.49 -3.98 1.78
N PRO B 61 -12.65 -4.34 1.25
CA PRO B 61 -13.70 -4.83 2.12
C PRO B 61 -13.36 -6.15 2.79
N SER B 62 -12.57 -6.98 2.11
CA SER B 62 -12.30 -8.32 2.62
C SER B 62 -11.30 -8.22 3.83
N GLU B 63 -10.57 -7.11 3.90
CA GLU B 63 -9.75 -6.79 5.09
C GLU B 63 -10.57 -6.36 6.28
N ILE B 64 -11.58 -5.55 6.02
CA ILE B 64 -12.54 -5.14 7.02
C ILE B 64 -13.36 -6.34 7.57
N VAL B 65 -13.81 -7.22 6.70
CA VAL B 65 -14.47 -8.47 7.08
C VAL B 65 -13.50 -9.26 7.97
N ARG B 66 -12.21 -9.37 7.64
CA ARG B 66 -11.26 -10.11 8.43
C ARG B 66 -11.05 -9.45 9.78
N LEU B 67 -10.98 -8.12 9.78
CA LEU B 67 -10.73 -7.42 11.04
C LEU B 67 -11.93 -7.62 11.92
N GLN B 68 -13.11 -7.58 11.31
CA GLN B 68 -14.27 -7.81 12.12
C GLN B 68 -14.26 -9.20 12.80
N GLU B 69 -13.88 -10.24 12.06
CA GLU B 69 -13.72 -11.56 12.67
C GLU B 69 -12.71 -11.60 13.83
N GLN B 70 -11.60 -10.88 13.69
CA GLN B 70 -10.55 -10.80 14.72
C GLN B 70 -11.01 -10.04 15.95
N LEU B 71 -11.80 -8.99 15.70
CA LEU B 71 -12.43 -8.26 16.79
C LEU B 71 -13.57 -9.00 17.49
N ALA B 72 -14.29 -9.88 16.78
CA ALA B 72 -15.28 -10.71 17.46
C ALA B 72 -14.54 -11.61 18.48
N GLN B 73 -13.41 -12.20 18.11
CA GLN B 73 -12.59 -12.95 19.08
C GLN B 73 -12.23 -12.09 20.32
N VAL B 74 -11.78 -10.86 20.07
CA VAL B 74 -11.64 -9.87 21.14
C VAL B 74 -12.87 -9.72 22.04
N ALA B 75 -14.03 -9.48 21.43
CA ALA B 75 -15.30 -9.36 22.16
C ALA B 75 -15.65 -10.60 22.98
N LYS B 76 -15.38 -11.77 22.41
CA LYS B 76 -15.55 -13.02 23.17
C LYS B 76 -14.55 -13.35 24.24
N GLY B 77 -13.59 -12.48 24.50
CA GLY B 77 -12.50 -12.74 25.44
C GLY B 77 -11.37 -13.66 24.98
N GLU B 78 -11.19 -13.80 23.68
CA GLU B 78 -10.20 -14.70 23.11
C GLU B 78 -9.07 -13.94 22.39
N ALA B 79 -9.12 -12.62 22.50
CA ALA B 79 -8.05 -11.77 22.02
C ALA B 79 -8.12 -10.43 22.71
N PHE B 80 -7.06 -9.67 22.51
CA PHE B 80 -6.82 -8.39 23.13
C PHE B 80 -6.57 -7.38 21.96
N LEU B 81 -7.14 -6.20 22.09
CA LEU B 81 -7.03 -5.10 21.09
C LEU B 81 -6.02 -4.02 21.48
N LEU B 82 -4.96 -3.81 20.69
CA LEU B 82 -4.04 -2.69 20.89
C LEU B 82 -4.18 -1.73 19.75
N GLN B 83 -4.55 -0.51 20.11
CA GLN B 83 -4.68 0.60 19.10
C GLN B 83 -3.83 1.82 19.53
N GLY B 84 -3.02 2.36 18.64
CA GLY B 84 -2.21 3.53 18.98
C GLY B 84 -1.42 4.09 17.82
N GLY B 85 -0.99 5.33 18.00
CA GLY B 85 -0.15 6.04 17.03
C GLY B 85 -0.36 7.51 17.38
N ASP B 86 -0.06 8.39 16.44
CA ASP B 86 -0.18 9.83 16.67
C ASP B 86 -1.59 10.25 17.07
N CYS B 87 -1.66 11.28 17.93
CA CYS B 87 -2.85 12.06 18.15
C CYS B 87 -3.24 12.75 16.88
N ALA B 88 -2.31 13.39 16.20
CA ALA B 88 -2.64 14.00 14.94
C ALA B 88 -1.49 13.76 13.97
N GLU B 89 -1.78 13.11 12.85
CA GLU B 89 -0.78 12.94 11.81
C GLU B 89 -0.64 14.33 11.25
N THR B 90 0.53 14.66 10.74
CA THR B 90 0.62 15.80 9.86
C THR B 90 1.13 15.45 8.48
N PHE B 91 0.89 16.32 7.52
CA PHE B 91 1.48 16.10 6.20
C PHE B 91 3.00 16.24 6.29
N MET B 92 3.46 17.17 7.10
CA MET B 92 4.88 17.42 7.01
C MET B 92 5.69 16.31 7.71
N ASP B 93 5.12 15.63 8.69
CA ASP B 93 5.80 14.50 9.37
C ASP B 93 5.42 13.12 8.79
N ASN B 94 4.71 13.11 7.65
CA ASN B 94 4.29 11.89 6.97
C ASN B 94 5.43 11.27 6.16
N THR B 95 6.45 10.78 6.87
CA THR B 95 7.72 10.45 6.23
C THR B 95 8.07 9.02 6.68
N GLU B 96 9.00 8.40 5.96
CA GLU B 96 9.34 6.99 6.18
C GLU B 96 9.84 6.77 7.59
N PRO B 97 10.74 7.62 8.07
CA PRO B 97 11.21 7.33 9.43
C PRO B 97 10.14 7.47 10.46
N HIS B 98 9.33 8.53 10.35
CA HIS B 98 8.25 8.71 11.32
C HIS B 98 7.20 7.59 11.30
N ILE B 99 6.75 7.18 10.11
CA ILE B 99 5.88 5.98 9.99
C ILE B 99 6.52 4.67 10.51
N ARG B 100 7.71 4.30 10.05
CA ARG B 100 8.39 3.10 10.54
C ARG B 100 8.52 3.16 12.08
N GLY B 101 8.96 4.32 12.55
CA GLY B 101 9.05 4.53 13.96
C GLY B 101 7.77 4.24 14.69
N ASN B 102 6.61 4.63 14.14
CA ASN B 102 5.34 4.45 14.88
C ASN B 102 4.90 3.00 14.74
N VAL B 103 5.12 2.39 13.56
CA VAL B 103 4.81 0.99 13.38
C VAL B 103 5.65 0.13 14.32
N ARG B 104 6.94 0.45 14.43
CA ARG B 104 7.84 -0.32 15.26
C ARG B 104 7.41 -0.24 16.75
N ALA B 105 7.07 0.95 17.22
CA ALA B 105 6.59 1.10 18.61
C ALA B 105 5.34 0.29 18.89
N LEU B 106 4.37 0.28 17.96
CA LEU B 106 3.18 -0.53 18.20
C LEU B 106 3.56 -2.00 18.23
N LEU B 107 4.42 -2.37 17.30
CA LEU B 107 4.88 -3.78 17.27
C LEU B 107 5.56 -4.20 18.56
N GLN B 108 6.54 -3.41 18.98
CA GLN B 108 7.23 -3.68 20.22
C GLN B 108 6.25 -3.93 21.35
N MET B 109 5.19 -3.11 21.47
CA MET B 109 4.15 -3.28 22.49
C MET B 109 3.34 -4.53 22.33
N ALA B 110 2.99 -4.86 21.09
CA ALA B 110 2.29 -6.08 20.80
C ALA B 110 3.05 -7.32 21.28
N VAL B 111 4.35 -7.35 21.12
CA VAL B 111 5.11 -8.57 21.48
C VAL B 111 4.84 -8.88 22.94
N VAL B 112 5.12 -7.88 23.79
CA VAL B 112 4.90 -7.96 25.22
C VAL B 112 3.47 -8.22 25.69
N LEU B 113 2.46 -7.59 25.06
CA LEU B 113 1.06 -7.90 25.36
C LEU B 113 0.58 -9.26 24.87
N THR B 114 1.09 -9.72 23.73
CA THR B 114 0.73 -11.08 23.30
C THR B 114 1.19 -12.09 24.33
N TYR B 115 2.48 -12.00 24.67
CA TYR B 115 3.02 -12.80 25.75
C TYR B 115 2.35 -12.64 27.11
N GLY B 116 2.05 -11.42 27.58
CA GLY B 116 1.25 -11.23 28.80
C GLY B 116 -0.17 -11.73 28.73
N ALA B 117 -0.90 -11.46 27.64
CA ALA B 117 -2.29 -11.87 27.56
C ALA B 117 -2.38 -13.42 27.41
N SER B 118 -1.34 -14.05 26.92
CA SER B 118 -1.43 -15.43 26.44
C SER B 118 -2.45 -15.62 25.33
N MET B 119 -2.65 -14.61 24.47
CA MET B 119 -3.65 -14.74 23.39
C MET B 119 -3.36 -13.66 22.30
N PRO B 120 -3.93 -13.83 21.08
CA PRO B 120 -3.49 -12.89 20.07
C PRO B 120 -3.92 -11.46 20.37
N VAL B 121 -3.19 -10.52 19.77
CA VAL B 121 -3.42 -9.11 19.99
C VAL B 121 -3.78 -8.63 18.59
N VAL B 122 -4.88 -7.91 18.47
CA VAL B 122 -5.27 -7.23 17.24
C VAL B 122 -4.65 -5.84 17.27
N LYS B 123 -3.71 -5.66 16.34
CA LYS B 123 -2.90 -4.48 16.19
C LYS B 123 -3.52 -3.39 15.27
N VAL B 124 -3.86 -2.24 15.86
CA VAL B 124 -4.62 -1.25 15.08
C VAL B 124 -3.87 0.10 15.25
N ALA B 125 -3.38 0.64 14.13
CA ALA B 125 -2.61 1.87 14.17
C ALA B 125 -3.56 3.05 13.97
N ARG B 126 -3.32 4.16 14.66
CA ARG B 126 -3.98 5.42 14.34
C ARG B 126 -3.10 6.06 13.26
N ILE B 127 -3.51 5.93 12.01
CA ILE B 127 -2.56 6.23 10.96
C ILE B 127 -3.33 6.25 9.67
N ALA B 128 -2.73 6.88 8.66
CA ALA B 128 -3.33 6.90 7.30
C ALA B 128 -4.75 7.50 7.30
N GLY B 129 -4.85 8.66 7.95
CA GLY B 129 -6.06 9.47 7.93
C GLY B 129 -6.44 10.15 9.24
N GLN B 130 -5.54 10.23 10.22
CA GLN B 130 -5.87 10.89 11.50
C GLN B 130 -5.52 12.37 11.41
N TYR B 131 -6.25 13.03 10.53
CA TYR B 131 -5.88 14.34 10.04
C TYR B 131 -6.91 15.37 10.39
N ALA B 132 -7.89 15.02 11.24
CA ALA B 132 -8.97 15.95 11.56
C ALA B 132 -9.24 15.91 13.04
N LYS B 133 -9.40 17.09 13.62
CA LYS B 133 -9.84 17.13 15.02
C LYS B 133 -11.02 18.09 15.27
N PRO B 134 -11.85 17.75 16.25
CA PRO B 134 -12.81 18.73 16.74
C PRO B 134 -12.10 19.71 17.64
N ARG B 135 -12.85 20.73 18.07
N ARG B 135 -12.81 20.76 18.04
CA ARG B 135 -12.39 21.76 18.98
CA ARG B 135 -12.31 21.73 19.02
C ARG B 135 -13.56 22.26 19.79
C ARG B 135 -13.51 22.31 19.78
N SER B 136 -13.39 22.45 21.09
CA SER B 136 -14.48 23.08 21.83
C SER B 136 -14.60 24.57 21.49
N ALA B 137 -13.50 25.19 21.11
CA ALA B 137 -13.44 26.65 20.92
C ALA B 137 -13.20 26.96 19.44
N ASP B 138 -13.99 27.82 18.78
CA ASP B 138 -13.55 28.24 17.43
C ASP B 138 -12.43 29.27 17.40
N ILE B 139 -12.22 29.97 18.52
CA ILE B 139 -11.06 30.86 18.64
C ILE B 139 -10.14 30.34 19.73
N ASP B 140 -8.87 30.16 19.37
CA ASP B 140 -7.90 29.57 20.26
C ASP B 140 -7.25 30.62 21.15
N ALA B 141 -6.18 30.22 21.85
CA ALA B 141 -5.59 31.11 22.86
C ALA B 141 -4.76 32.24 22.27
N LEU B 142 -4.33 32.13 21.01
CA LEU B 142 -3.72 33.26 20.29
C LEU B 142 -4.75 34.21 19.63
N GLY B 143 -6.02 33.99 19.93
CA GLY B 143 -7.15 34.54 19.19
C GLY B 143 -7.27 34.28 17.70
N LEU B 144 -6.64 33.22 17.19
CA LEU B 144 -6.84 32.77 15.78
C LEU B 144 -7.92 31.70 15.67
N ARG B 145 -8.58 31.63 14.51
CA ARG B 145 -9.39 30.47 14.22
C ARG B 145 -8.57 29.21 14.47
N SER B 146 -9.17 28.27 15.19
CA SER B 146 -8.50 27.15 15.78
C SER B 146 -7.96 26.21 14.66
N TYR B 147 -6.84 25.57 14.91
CA TYR B 147 -6.37 24.43 14.10
C TYR B 147 -7.30 23.22 14.24
N ARG B 148 -7.79 22.65 13.15
CA ARG B 148 -8.63 21.47 13.20
C ARG B 148 -8.00 20.23 12.55
N GLY B 149 -6.70 20.25 12.32
CA GLY B 149 -6.04 19.16 11.69
C GLY B 149 -5.82 19.52 10.23
N ASP B 150 -4.77 18.90 9.69
CA ASP B 150 -4.28 19.14 8.31
C ASP B 150 -5.26 18.88 7.19
N MET B 151 -6.32 18.11 7.47
CA MET B 151 -7.39 17.86 6.46
C MET B 151 -8.30 19.07 6.38
N ILE B 152 -8.15 19.99 7.33
CA ILE B 152 -8.93 21.20 7.35
C ILE B 152 -8.21 22.52 7.14
N ASN B 153 -7.19 22.71 7.96
CA ASN B 153 -6.35 23.88 7.89
C ASN B 153 -4.97 23.70 8.46
N GLY B 154 -4.15 24.76 8.49
CA GLY B 154 -2.71 24.61 8.86
C GLY B 154 -2.35 24.88 10.32
N PHE B 155 -1.35 24.16 10.84
CA PHE B 155 -0.87 24.38 12.24
C PHE B 155 -0.37 25.82 12.41
N ALA B 156 0.21 26.41 11.37
CA ALA B 156 0.95 27.66 11.52
C ALA B 156 0.05 28.74 12.10
N PRO B 157 0.60 29.48 13.08
CA PRO B 157 -0.22 30.34 13.91
C PRO B 157 -0.40 31.68 13.21
N ASP B 158 -1.04 31.63 12.03
CA ASP B 158 -1.42 32.83 11.29
C ASP B 158 -2.75 32.61 10.57
N ALA B 159 -3.43 33.71 10.34
CA ALA B 159 -4.83 33.69 10.01
C ALA B 159 -5.13 33.09 8.62
N ALA B 160 -4.28 33.34 7.63
CA ALA B 160 -4.43 32.74 6.31
C ALA B 160 -4.26 31.24 6.38
N ALA B 161 -3.33 30.82 7.20
CA ALA B 161 -3.00 29.43 7.32
C ALA B 161 -4.18 28.69 7.97
N ARG B 162 -4.89 29.38 8.85
CA ARG B 162 -6.09 28.82 9.46
C ARG B 162 -7.38 28.78 8.64
N GLU B 163 -7.41 29.44 7.49
CA GLU B 163 -8.59 29.35 6.66
C GLU B 163 -8.88 27.90 6.30
N HIS B 164 -10.16 27.53 6.27
CA HIS B 164 -10.53 26.18 5.85
C HIS B 164 -10.34 25.99 4.34
N ASP B 165 -9.64 24.94 3.94
CA ASP B 165 -9.25 24.75 2.54
C ASP B 165 -9.57 23.34 2.07
N PRO B 166 -10.57 23.20 1.20
CA PRO B 166 -11.16 21.93 0.87
C PRO B 166 -10.20 21.08 0.08
N SER B 167 -9.16 21.71 -0.49
CA SER B 167 -8.19 21.00 -1.28
C SER B 167 -7.37 20.10 -0.35
N ARG B 168 -7.44 20.37 0.96
CA ARG B 168 -6.86 19.50 1.98
C ARG B 168 -7.50 18.11 2.06
N LEU B 169 -8.75 17.93 1.64
CA LEU B 169 -9.36 16.61 1.52
C LEU B 169 -8.56 15.69 0.60
N VAL B 170 -8.20 16.18 -0.60
CA VAL B 170 -7.29 15.46 -1.51
C VAL B 170 -5.88 15.23 -0.98
N ARG B 171 -5.22 16.26 -0.47
CA ARG B 171 -3.89 16.07 0.06
C ARG B 171 -3.94 15.08 1.22
N ALA B 172 -5.05 15.05 1.97
CA ALA B 172 -5.18 14.09 3.09
C ALA B 172 -5.27 12.65 2.61
N TYR B 173 -6.11 12.41 1.63
CA TYR B 173 -6.07 11.13 0.93
C TYR B 173 -4.72 10.72 0.34
N ALA B 174 -4.06 11.60 -0.43
CA ALA B 174 -2.76 11.25 -0.97
C ALA B 174 -1.78 10.87 0.11
N ASN B 175 -1.83 11.60 1.21
CA ASN B 175 -0.89 11.34 2.28
C ASN B 175 -1.24 10.02 2.98
N ALA B 176 -2.53 9.83 3.22
CA ALA B 176 -3.00 8.56 3.79
C ALA B 176 -2.59 7.33 2.96
N SER B 177 -3.03 7.27 1.70
CA SER B 177 -2.73 6.10 0.87
C SER B 177 -1.23 5.89 0.73
N ALA B 178 -0.44 6.95 0.80
CA ALA B 178 1.02 6.80 0.78
C ALA B 178 1.59 6.02 2.00
N ALA B 179 1.31 6.55 3.20
CA ALA B 179 1.54 5.88 4.47
C ALA B 179 1.08 4.44 4.46
N MET B 180 -0.17 4.17 4.06
CA MET B 180 -0.77 2.80 4.13
C MET B 180 0.09 1.90 3.27
N ASN B 181 0.57 2.44 2.14
CA ASN B 181 1.38 1.58 1.26
C ASN B 181 2.66 1.12 1.97
N LEU B 182 3.33 2.07 2.62
CA LEU B 182 4.46 1.81 3.49
C LEU B 182 4.18 0.89 4.63
N VAL B 183 3.08 1.10 5.36
CA VAL B 183 2.74 0.26 6.51
C VAL B 183 2.60 -1.17 5.99
N ARG B 184 1.99 -1.33 4.81
CA ARG B 184 1.83 -2.69 4.29
C ARG B 184 3.18 -3.29 3.87
N ALA B 185 4.02 -2.50 3.21
CA ALA B 185 5.39 -2.92 2.80
C ALA B 185 6.18 -3.40 3.99
N LEU B 186 5.99 -2.72 5.10
CA LEU B 186 6.91 -2.91 6.21
C LEU B 186 6.50 -4.16 7.00
N THR B 187 5.20 -4.29 7.22
CA THR B 187 4.61 -5.43 7.89
C THR B 187 4.81 -6.77 7.19
N SER B 188 5.07 -6.74 5.88
CA SER B 188 5.15 -7.99 5.12
C SER B 188 6.57 -8.31 4.71
N SER B 189 7.50 -7.42 4.99
CA SER B 189 8.82 -7.52 4.44
C SER B 189 9.93 -7.58 5.48
N GLY B 190 9.58 -7.65 6.77
CA GLY B 190 10.63 -7.76 7.77
C GLY B 190 10.54 -6.94 9.03
N LEU B 191 9.82 -5.82 9.06
CA LEU B 191 9.83 -5.02 10.31
C LEU B 191 9.06 -5.73 11.40
N ALA B 192 8.10 -6.51 10.94
CA ALA B 192 7.19 -7.21 11.79
C ALA B 192 7.63 -8.64 12.10
N SER B 193 8.89 -9.00 11.89
CA SER B 193 9.40 -10.32 12.32
C SER B 193 9.45 -10.29 13.81
N LEU B 194 8.94 -11.34 14.47
CA LEU B 194 8.80 -11.37 15.93
C LEU B 194 10.16 -11.43 16.62
N HIS B 195 11.09 -12.16 16.02
CA HIS B 195 12.50 -12.13 16.44
C HIS B 195 13.19 -10.77 16.41
N LEU B 196 13.12 -10.05 15.28
CA LEU B 196 13.70 -8.72 15.25
C LEU B 196 13.03 -7.84 16.31
N VAL B 197 11.70 -7.89 16.39
CA VAL B 197 11.00 -6.87 17.20
C VAL B 197 11.35 -7.15 18.64
N HIS B 198 11.49 -8.42 18.98
CA HIS B 198 11.87 -8.73 20.36
C HIS B 198 13.34 -8.38 20.67
N ASP B 199 14.22 -8.45 19.67
CA ASP B 199 15.57 -7.94 19.94
C ASP B 199 15.58 -6.47 20.33
N TRP B 200 14.77 -5.67 19.64
CA TRP B 200 14.60 -4.28 20.06
C TRP B 200 14.12 -4.16 21.49
N ASN B 201 13.15 -4.96 21.89
CA ASN B 201 12.70 -4.96 23.31
C ASN B 201 13.83 -5.32 24.30
N ARG B 202 14.67 -6.26 23.88
N ARG B 202 14.66 -6.28 23.91
CA ARG B 202 15.88 -6.61 24.62
CA ARG B 202 15.87 -6.61 24.65
C ARG B 202 16.88 -5.46 24.71
C ARG B 202 16.83 -5.42 24.74
N GLU B 203 16.98 -4.63 23.68
CA GLU B 203 17.84 -3.43 23.77
C GLU B 203 17.27 -2.32 24.67
N PHE B 204 15.97 -2.09 24.63
CA PHE B 204 15.32 -1.27 25.67
C PHE B 204 15.53 -1.73 27.13
N VAL B 205 15.28 -3.01 27.41
CA VAL B 205 15.54 -3.52 28.77
C VAL B 205 17.01 -3.32 29.17
N ARG B 206 17.93 -3.48 28.23
CA ARG B 206 19.36 -3.25 28.51
C ARG B 206 19.71 -1.79 28.83
N THR B 207 19.14 -0.84 28.09
CA THR B 207 19.55 0.57 28.25
C THR B 207 18.60 1.45 29.07
N SER B 208 17.38 0.98 29.40
CA SER B 208 16.36 1.85 30.01
C SER B 208 16.79 2.17 31.45
N PRO B 209 16.44 3.36 31.98
CA PRO B 209 16.86 3.52 33.38
C PRO B 209 16.12 2.56 34.31
N ALA B 210 14.92 2.12 33.92
CA ALA B 210 14.16 1.16 34.75
C ALA B 210 14.20 -0.25 34.19
N GLY B 211 15.21 -0.55 33.37
CA GLY B 211 15.28 -1.85 32.70
C GLY B 211 15.33 -3.07 33.61
N ALA B 212 15.88 -2.90 34.82
CA ALA B 212 16.09 -4.02 35.74
C ALA B 212 14.73 -4.48 36.24
N ARG B 213 13.77 -3.58 36.18
CA ARG B 213 12.42 -3.96 36.55
C ARG B 213 11.79 -4.85 35.45
N TYR B 214 12.20 -4.76 34.20
CA TYR B 214 11.44 -5.47 33.17
C TYR B 214 12.24 -6.67 32.63
N GLU B 215 13.41 -6.93 33.23
CA GLU B 215 14.36 -7.96 32.71
C GLU B 215 13.81 -9.41 32.76
N ALA B 216 13.27 -9.77 33.92
CA ALA B 216 12.62 -11.05 34.16
C ALA B 216 11.55 -11.32 33.09
N LEU B 217 10.64 -10.38 32.85
CA LEU B 217 9.59 -10.67 31.86
C LEU B 217 10.21 -10.71 30.48
N ALA B 218 11.19 -9.87 30.19
CA ALA B 218 11.79 -9.96 28.84
C ALA B 218 12.51 -11.31 28.69
N THR B 219 13.11 -11.79 29.77
CA THR B 219 13.84 -13.05 29.69
C THR B 219 12.91 -14.25 29.43
N GLU B 220 11.78 -14.28 30.12
CA GLU B 220 10.72 -15.24 29.89
C GLU B 220 10.23 -15.27 28.44
N ILE B 221 9.95 -14.09 27.88
CA ILE B 221 9.54 -14.03 26.47
C ILE B 221 10.66 -14.65 25.65
N ASP B 222 11.90 -14.30 25.95
CA ASP B 222 13.02 -14.81 25.19
C ASP B 222 13.11 -16.35 25.20
N ARG B 223 12.95 -16.96 26.39
CA ARG B 223 12.97 -18.44 26.49
C ARG B 223 11.73 -19.06 25.86
N GLY B 224 10.65 -18.30 25.88
CA GLY B 224 9.46 -18.69 25.17
C GLY B 224 9.71 -18.76 23.69
N LEU B 225 10.34 -17.73 23.13
CA LEU B 225 10.67 -17.75 21.72
C LEU B 225 11.66 -18.88 21.44
N ARG B 226 12.67 -19.07 22.29
CA ARG B 226 13.60 -20.16 22.03
C ARG B 226 12.92 -21.52 22.15
N PHE B 227 11.93 -21.63 23.03
CA PHE B 227 11.18 -22.88 23.21
C PHE B 227 10.51 -23.31 21.89
N MET B 228 10.00 -22.32 21.16
CA MET B 228 9.41 -22.56 19.86
C MET B 228 10.38 -23.18 18.85
N SER B 229 11.57 -22.60 18.65
CA SER B 229 12.55 -23.15 17.74
C SER B 229 13.02 -24.49 18.28
N ALA B 230 13.07 -24.67 19.59
CA ALA B 230 13.49 -25.98 20.14
C ALA B 230 12.56 -27.12 19.77
N CYS B 231 11.26 -26.84 19.82
CA CYS B 231 10.24 -27.80 19.48
C CYS B 231 9.97 -27.90 17.99
N GLY B 232 10.68 -27.14 17.14
CA GLY B 232 10.48 -27.16 15.67
C GLY B 232 9.16 -26.69 15.09
N VAL B 233 8.55 -25.66 15.66
N VAL B 233 8.63 -25.64 15.71
CA VAL B 233 7.29 -25.15 15.06
CA VAL B 233 7.42 -24.99 15.24
C VAL B 233 7.56 -24.67 13.63
C VAL B 233 7.67 -23.48 15.17
N ALA B 234 6.58 -24.74 12.72
N ALA B 234 8.84 -23.10 14.66
CA ALA B 234 6.65 -23.98 11.46
CA ALA B 234 9.22 -21.69 14.48
C ALA B 234 6.57 -22.49 11.74
C ALA B 234 8.94 -21.27 13.03
N ASP B 235 7.59 -21.75 11.29
N ASP B 235 7.66 -21.04 12.75
CA ASP B 235 7.75 -20.37 11.72
CA ASP B 235 7.23 -20.96 11.38
C ASP B 235 7.37 -19.24 10.74
C ASP B 235 7.17 -19.53 10.82
N ARG B 236 6.80 -19.51 9.57
CA ARG B 236 6.46 -18.31 8.84
C ARG B 236 5.45 -17.41 9.58
N ASN B 237 4.57 -17.93 10.44
CA ASN B 237 3.62 -17.00 11.08
C ASN B 237 4.31 -16.02 12.02
N LEU B 238 5.58 -16.27 12.32
CA LEU B 238 6.35 -15.34 13.14
C LEU B 238 6.99 -14.23 12.29
N GLN B 239 7.02 -14.38 10.96
CA GLN B 239 7.71 -13.42 10.11
C GLN B 239 7.00 -12.07 9.86
N THR B 240 5.68 -12.03 10.02
CA THR B 240 4.83 -10.91 9.55
C THR B 240 3.68 -10.75 10.58
N ALA B 241 3.10 -9.55 10.65
CA ALA B 241 1.93 -9.30 11.44
C ALA B 241 1.06 -8.35 10.58
N GLU B 242 -0.21 -8.25 10.93
CA GLU B 242 -1.17 -7.35 10.30
C GLU B 242 -1.34 -6.15 11.21
N ILE B 243 -1.12 -4.99 10.61
CA ILE B 243 -1.39 -3.72 11.21
C ILE B 243 -2.52 -3.06 10.41
N TYR B 244 -3.57 -2.79 11.15
CA TYR B 244 -4.76 -2.18 10.57
C TYR B 244 -4.72 -0.67 10.69
N ALA B 245 -5.60 -0.01 9.94
CA ALA B 245 -5.63 1.48 9.89
C ALA B 245 -6.91 2.01 10.57
N SER B 246 -6.78 3.10 11.32
CA SER B 246 -7.92 3.69 11.95
C SER B 246 -7.70 5.22 11.99
N HIS B 247 -8.86 5.91 12.14
CA HIS B 247 -8.82 7.29 12.65
C HIS B 247 -10.21 7.71 13.08
N GLU B 248 -10.31 8.88 13.73
CA GLU B 248 -11.59 9.44 14.06
C GLU B 248 -12.37 9.82 12.82
N ALA B 249 -13.54 9.21 12.63
CA ALA B 249 -14.39 9.59 11.51
C ALA B 249 -15.05 10.95 11.87
N LEU B 250 -14.53 12.05 11.30
CA LEU B 250 -14.88 13.40 11.80
C LEU B 250 -15.42 14.27 10.69
N VAL B 251 -14.68 14.29 9.59
CA VAL B 251 -15.02 15.08 8.40
C VAL B 251 -15.87 14.25 7.41
N LEU B 252 -17.16 14.61 7.40
CA LEU B 252 -18.16 13.81 6.75
C LEU B 252 -18.06 13.94 5.25
N ASP B 253 -17.47 15.02 4.78
CA ASP B 253 -17.16 15.13 3.35
C ASP B 253 -16.07 14.17 2.92
N TYR B 254 -15.08 13.89 3.78
CA TYR B 254 -14.03 12.91 3.45
C TYR B 254 -14.55 11.45 3.52
N GLU B 255 -15.34 11.14 4.53
CA GLU B 255 -15.82 9.78 4.80
C GLU B 255 -16.89 9.41 3.78
N ARG B 256 -17.83 10.31 3.49
CA ARG B 256 -18.81 9.99 2.45
C ARG B 256 -18.19 9.75 1.06
N ALA B 257 -17.11 10.45 0.72
CA ALA B 257 -16.49 10.34 -0.60
C ALA B 257 -15.59 9.07 -0.72
N MET B 258 -15.19 8.55 0.42
CA MET B 258 -14.43 7.28 0.51
C MET B 258 -15.32 6.05 0.71
N LEU B 259 -16.64 6.21 0.61
CA LEU B 259 -17.57 5.09 0.69
C LEU B 259 -17.48 4.27 -0.59
N ARG B 260 -17.54 2.96 -0.45
CA ARG B 260 -17.58 2.11 -1.64
C ARG B 260 -18.55 0.95 -1.39
N LEU B 261 -19.31 0.53 -2.41
CA LEU B 261 -20.18 -0.66 -2.32
C LEU B 261 -19.40 -1.97 -2.50
N SER B 262 -19.61 -2.97 -1.66
CA SER B 262 -18.89 -4.25 -1.79
C SER B 262 -19.49 -5.11 -2.90
N ASP B 263 -18.75 -6.12 -3.36
CA ASP B 263 -19.10 -6.86 -4.59
C ASP B 263 -20.22 -7.89 -4.45
N GLY B 264 -20.60 -8.23 -3.22
CA GLY B 264 -21.61 -9.25 -2.98
C GLY B 264 -21.15 -10.70 -2.98
N ASP B 265 -19.88 -10.98 -3.29
CA ASP B 265 -19.40 -12.36 -3.38
C ASP B 265 -19.47 -13.01 -2.01
N ASP B 266 -19.15 -12.23 -0.99
CA ASP B 266 -19.21 -12.70 0.39
C ASP B 266 -20.63 -12.50 0.84
N GLY B 267 -20.85 -11.46 1.62
CA GLY B 267 -22.18 -10.98 1.92
C GLY B 267 -22.79 -10.11 0.83
N GLU B 268 -24.13 -10.06 0.82
CA GLU B 268 -24.88 -9.09 0.04
C GLU B 268 -24.41 -7.64 0.23
N PRO B 269 -24.46 -6.84 -0.83
CA PRO B 269 -23.72 -5.59 -0.90
C PRO B 269 -24.05 -4.56 0.19
N GLN B 270 -22.99 -3.98 0.74
CA GLN B 270 -23.04 -3.00 1.81
C GLN B 270 -22.10 -1.90 1.44
N LEU B 271 -22.26 -0.79 2.15
CA LEU B 271 -21.37 0.34 2.10
C LEU B 271 -20.25 0.22 3.14
N PHE B 272 -19.04 0.21 2.67
CA PHE B 272 -17.86 0.20 3.55
C PHE B 272 -17.19 1.57 3.40
N ASP B 273 -16.69 2.12 4.48
CA ASP B 273 -15.81 3.30 4.41
C ASP B 273 -14.39 2.80 4.19
N LEU B 274 -13.84 3.04 3.00
CA LEU B 274 -12.50 2.52 2.64
C LEU B 274 -11.42 3.54 2.79
N SER B 275 -11.64 4.57 3.66
CA SER B 275 -10.59 5.41 4.13
C SER B 275 -9.80 4.78 5.27
N ALA B 276 -10.30 3.68 5.79
CA ALA B 276 -9.76 3.05 6.99
C ALA B 276 -10.29 1.61 7.06
N HIS B 277 -9.74 0.82 7.99
CA HIS B 277 -10.39 -0.43 8.36
C HIS B 277 -11.47 -0.22 9.39
N THR B 278 -11.13 0.45 10.49
CA THR B 278 -12.10 0.77 11.51
C THR B 278 -12.00 2.29 11.79
N VAL B 279 -13.07 2.85 12.32
CA VAL B 279 -13.16 4.27 12.66
C VAL B 279 -13.92 4.34 13.94
N TRP B 280 -13.71 5.45 14.66
CA TRP B 280 -14.41 5.77 15.87
C TRP B 280 -15.04 7.18 15.87
N ILE B 281 -16.04 7.33 16.73
CA ILE B 281 -16.75 8.59 16.88
C ILE B 281 -16.51 9.20 18.26
N GLY B 282 -16.01 10.42 18.22
CA GLY B 282 -15.57 11.16 19.38
C GLY B 282 -16.61 11.80 20.27
N GLU B 283 -16.12 12.19 21.42
CA GLU B 283 -16.94 12.69 22.50
C GLU B 283 -17.77 13.93 22.04
N ARG B 284 -17.17 14.75 21.21
CA ARG B 284 -17.82 15.98 20.73
C ARG B 284 -18.73 15.76 19.54
N THR B 285 -18.67 14.59 18.90
CA THR B 285 -19.56 14.27 17.77
C THR B 285 -20.53 13.08 17.89
N ARG B 286 -20.72 12.56 19.08
CA ARG B 286 -21.55 11.41 19.27
C ARG B 286 -23.00 11.69 19.63
N GLN B 287 -23.51 12.85 19.19
CA GLN B 287 -24.90 13.14 19.42
C GLN B 287 -25.72 11.99 18.92
N ILE B 288 -26.64 11.54 19.75
CA ILE B 288 -27.36 10.29 19.48
C ILE B 288 -28.15 10.29 18.20
N ASP B 289 -28.73 11.46 17.89
CA ASP B 289 -29.51 11.69 16.67
C ASP B 289 -28.77 12.53 15.65
N GLY B 290 -27.44 12.53 15.70
CA GLY B 290 -26.67 13.39 14.81
C GLY B 290 -26.09 12.63 13.62
N ALA B 291 -25.42 13.33 12.71
CA ALA B 291 -25.03 12.70 11.45
C ALA B 291 -23.94 11.63 11.60
N HIS B 292 -23.11 11.72 12.64
CA HIS B 292 -21.92 10.85 12.78
C HIS B 292 -22.33 9.43 13.21
N ILE B 293 -23.24 9.36 14.17
CA ILE B 293 -23.85 8.14 14.68
C ILE B 293 -24.73 7.45 13.63
N ALA B 294 -25.53 8.23 12.91
CA ALA B 294 -26.21 7.76 11.68
C ALA B 294 -25.38 7.19 10.54
N PHE B 295 -24.36 7.92 10.12
CA PHE B 295 -23.27 7.43 9.32
C PHE B 295 -22.67 6.09 9.79
N ALA B 296 -22.28 6.00 11.05
CA ALA B 296 -21.69 4.78 11.60
C ALA B 296 -22.64 3.58 11.47
N GLN B 297 -23.92 3.90 11.54
CA GLN B 297 -25.00 2.92 11.47
C GLN B 297 -25.16 2.40 10.03
N VAL B 298 -24.83 3.23 9.05
CA VAL B 298 -24.93 2.82 7.65
C VAL B 298 -23.68 2.07 7.14
N ILE B 299 -22.48 2.34 7.66
CA ILE B 299 -21.30 1.60 7.12
C ILE B 299 -21.14 0.22 7.78
N ALA B 300 -20.36 -0.66 7.14
CA ALA B 300 -20.24 -2.09 7.46
C ALA B 300 -18.97 -2.23 8.34
N ASN B 301 -18.13 -1.22 8.33
CA ASN B 301 -16.93 -1.34 9.11
C ASN B 301 -17.22 -1.62 10.57
N PRO B 302 -16.25 -2.19 11.29
CA PRO B 302 -16.30 -1.99 12.75
C PRO B 302 -16.13 -0.57 13.24
N VAL B 303 -16.80 -0.20 14.33
CA VAL B 303 -16.81 1.17 14.80
C VAL B 303 -16.58 1.24 16.30
N GLY B 304 -16.15 2.40 16.78
CA GLY B 304 -16.09 2.61 18.21
C GLY B 304 -16.69 3.94 18.57
N VAL B 305 -17.11 4.04 19.82
CA VAL B 305 -17.57 5.30 20.34
C VAL B 305 -16.85 5.60 21.63
N LYS B 306 -16.28 6.79 21.70
CA LYS B 306 -15.68 7.34 22.91
C LYS B 306 -16.74 7.67 23.97
N LEU B 307 -16.47 7.26 25.21
CA LEU B 307 -17.38 7.42 26.36
C LEU B 307 -16.60 8.05 27.49
N GLY B 308 -17.01 9.26 27.82
CA GLY B 308 -16.36 10.04 28.84
C GLY B 308 -17.20 10.10 30.10
N PRO B 309 -16.79 10.95 31.04
CA PRO B 309 -17.33 10.94 32.38
C PRO B 309 -18.81 11.32 32.52
N ASN B 310 -19.43 11.89 31.49
N ASN B 310 -19.42 11.89 31.49
CA ASN B 310 -20.84 12.26 31.63
CA ASN B 310 -20.81 12.27 31.63
C ASN B 310 -21.75 11.20 31.03
C ASN B 310 -21.73 11.23 30.99
N MET B 311 -21.18 10.05 30.70
CA MET B 311 -21.97 9.00 30.06
C MET B 311 -22.84 8.33 31.10
N THR B 312 -24.09 8.02 30.75
CA THR B 312 -24.97 7.23 31.61
C THR B 312 -25.02 5.82 31.09
N PRO B 313 -25.32 4.85 31.96
CA PRO B 313 -25.55 3.50 31.52
C PRO B 313 -26.63 3.42 30.43
N GLU B 314 -27.63 4.28 30.54
CA GLU B 314 -28.75 4.23 29.64
C GLU B 314 -28.33 4.71 28.25
N LEU B 315 -27.66 5.84 28.15
CA LEU B 315 -27.15 6.28 26.85
C LEU B 315 -26.18 5.28 26.18
N ALA B 316 -25.32 4.67 26.98
CA ALA B 316 -24.46 3.60 26.50
C ALA B 316 -25.28 2.55 25.78
N VAL B 317 -26.33 2.02 26.45
CA VAL B 317 -27.16 0.98 25.89
C VAL B 317 -27.82 1.48 24.59
N GLU B 318 -28.26 2.73 24.54
CA GLU B 318 -28.73 3.30 23.27
C GLU B 318 -27.69 3.24 22.13
N TYR B 319 -26.44 3.50 22.45
CA TYR B 319 -25.39 3.38 21.43
C TYR B 319 -25.34 1.92 21.00
N VAL B 320 -25.34 0.99 21.96
CA VAL B 320 -25.22 -0.42 21.60
C VAL B 320 -26.39 -0.88 20.70
N GLU B 321 -27.61 -0.46 21.00
CA GLU B 321 -28.76 -0.81 20.19
C GLU B 321 -28.86 -0.15 18.81
N ARG B 322 -28.23 1.00 18.62
CA ARG B 322 -28.25 1.72 17.36
C ARG B 322 -27.15 1.25 16.45
N LEU B 323 -26.00 0.92 17.05
CA LEU B 323 -24.79 0.57 16.34
C LEU B 323 -24.48 -0.93 16.32
N ASP B 324 -25.03 -1.70 17.24
CA ASP B 324 -25.01 -3.14 17.06
C ASP B 324 -26.41 -3.74 16.99
N PRO B 325 -27.22 -3.25 16.08
CA PRO B 325 -28.60 -3.67 16.04
C PRO B 325 -28.75 -5.17 15.76
N HIS B 326 -27.79 -5.76 15.10
CA HIS B 326 -27.91 -7.19 14.83
C HIS B 326 -27.23 -8.11 15.87
N ASN B 327 -26.70 -7.58 16.95
CA ASN B 327 -25.93 -8.42 17.88
C ASN B 327 -24.79 -9.18 17.14
N LYS B 328 -23.81 -8.43 16.68
CA LYS B 328 -22.65 -9.02 16.04
C LYS B 328 -21.48 -8.75 16.95
N PRO B 329 -20.96 -9.76 17.66
CA PRO B 329 -19.84 -9.46 18.53
C PRO B 329 -18.72 -8.64 17.87
N GLY B 330 -18.30 -7.55 18.51
CA GLY B 330 -17.09 -6.90 18.04
C GLY B 330 -17.34 -5.87 16.93
N ARG B 331 -18.53 -5.83 16.36
CA ARG B 331 -18.92 -4.65 15.54
C ARG B 331 -18.79 -3.32 16.30
N LEU B 332 -19.10 -3.28 17.60
CA LEU B 332 -19.06 -2.06 18.39
C LEU B 332 -18.03 -2.18 19.51
N THR B 333 -17.12 -1.22 19.56
CA THR B 333 -16.22 -1.02 20.66
C THR B 333 -16.65 0.23 21.41
N LEU B 334 -16.60 0.14 22.71
CA LEU B 334 -16.92 1.29 23.56
C LEU B 334 -15.65 1.51 24.29
N VAL B 335 -15.15 2.75 24.21
CA VAL B 335 -13.82 3.12 24.49
C VAL B 335 -13.96 4.09 25.70
N SER B 336 -13.69 3.55 26.87
CA SER B 336 -13.75 4.26 28.12
C SER B 336 -12.63 5.28 28.27
N ARG B 337 -12.94 6.56 28.46
CA ARG B 337 -11.99 7.57 28.92
C ARG B 337 -12.46 8.49 30.07
N MET B 338 -12.16 8.14 31.32
CA MET B 338 -12.88 8.64 32.50
C MET B 338 -11.98 9.56 33.32
N GLY B 339 -10.67 9.38 33.17
CA GLY B 339 -9.69 9.89 34.13
C GLY B 339 -9.47 8.82 35.20
N ASN B 340 -8.22 8.66 35.63
CA ASN B 340 -7.78 7.58 36.50
C ASN B 340 -8.48 7.64 37.85
N HIS B 341 -8.88 8.85 38.20
CA HIS B 341 -9.48 9.11 39.49
C HIS B 341 -10.97 8.84 39.44
N LYS B 342 -11.53 8.51 38.27
CA LYS B 342 -12.97 8.33 38.11
C LYS B 342 -13.33 6.96 37.52
N VAL B 343 -12.37 6.27 36.89
CA VAL B 343 -12.66 5.08 36.10
C VAL B 343 -13.35 4.00 36.93
N ARG B 344 -12.81 3.79 38.13
CA ARG B 344 -13.31 2.81 39.09
C ARG B 344 -14.68 3.13 39.64
N ASP B 345 -15.12 4.37 39.54
N ASP B 345 -15.08 4.39 39.52
CA ASP B 345 -16.48 4.68 39.96
CA ASP B 345 -16.40 4.82 39.95
C ASP B 345 -17.42 4.68 38.77
C ASP B 345 -17.37 4.70 38.79
N LEU B 346 -17.00 5.19 37.61
CA LEU B 346 -18.00 5.47 36.56
C LEU B 346 -18.23 4.30 35.64
N LEU B 347 -17.16 3.53 35.40
CA LEU B 347 -17.23 2.44 34.44
C LEU B 347 -18.14 1.29 34.87
N PRO B 348 -18.07 0.83 36.15
CA PRO B 348 -18.84 -0.38 36.48
C PRO B 348 -20.33 -0.32 36.11
N PRO B 349 -21.07 0.76 36.44
CA PRO B 349 -22.51 0.65 36.11
C PRO B 349 -22.85 0.74 34.59
N ILE B 350 -21.99 1.33 33.77
CA ILE B 350 -22.07 1.25 32.28
C ILE B 350 -21.89 -0.21 31.78
N VAL B 351 -20.87 -0.87 32.27
CA VAL B 351 -20.54 -2.26 31.92
C VAL B 351 -21.68 -3.20 32.27
N GLU B 352 -22.22 -3.11 33.50
CA GLU B 352 -23.38 -3.94 33.92
C GLU B 352 -24.61 -3.71 33.03
N LYS B 353 -24.94 -2.46 32.78
CA LYS B 353 -26.16 -2.27 31.98
C LYS B 353 -26.03 -2.82 30.53
N VAL B 354 -24.84 -2.72 29.96
CA VAL B 354 -24.56 -3.09 28.57
C VAL B 354 -24.40 -4.60 28.54
N GLN B 355 -23.76 -5.17 29.56
CA GLN B 355 -23.62 -6.63 29.61
C GLN B 355 -25.00 -7.22 29.72
N ALA B 356 -25.94 -6.56 30.41
CA ALA B 356 -27.23 -7.22 30.57
C ALA B 356 -28.10 -7.16 29.30
N THR B 357 -27.74 -6.35 28.29
CA THR B 357 -28.44 -6.35 26.97
C THR B 357 -28.37 -7.69 26.20
N GLY B 358 -27.30 -8.44 26.47
CA GLY B 358 -26.96 -9.61 25.66
C GLY B 358 -25.96 -9.37 24.53
N HIS B 359 -25.57 -8.12 24.28
CA HIS B 359 -24.67 -7.80 23.18
C HIS B 359 -23.22 -7.98 23.61
N GLN B 360 -22.32 -8.18 22.66
CA GLN B 360 -20.94 -8.36 23.07
C GLN B 360 -20.11 -7.23 22.47
N VAL B 361 -19.93 -6.16 23.25
CA VAL B 361 -19.08 -5.08 22.85
C VAL B 361 -17.64 -5.45 23.15
N ILE B 362 -16.69 -4.80 22.48
CA ILE B 362 -15.38 -4.63 23.05
C ILE B 362 -15.32 -3.46 24.02
N TRP B 363 -14.76 -3.78 25.18
CA TRP B 363 -14.44 -2.82 26.20
C TRP B 363 -13.03 -2.37 26.00
N GLN B 364 -12.85 -1.09 25.68
CA GLN B 364 -11.48 -0.63 25.42
C GLN B 364 -11.15 0.53 26.36
N CYS B 365 -9.96 0.50 26.90
CA CYS B 365 -9.49 1.61 27.71
C CYS B 365 -8.72 2.64 26.91
N ASP B 366 -9.20 3.88 26.91
CA ASP B 366 -8.33 5.01 26.52
C ASP B 366 -7.90 5.79 27.73
N PRO B 367 -6.62 5.61 28.16
CA PRO B 367 -6.22 6.16 29.45
C PRO B 367 -5.52 7.48 29.26
N MET B 368 -5.66 8.06 28.06
CA MET B 368 -4.99 9.33 27.75
C MET B 368 -5.88 10.56 27.93
N HIS B 369 -6.99 10.52 27.23
CA HIS B 369 -7.83 11.70 27.08
C HIS B 369 -8.57 12.14 28.31
N GLY B 370 -8.63 11.31 29.34
CA GLY B 370 -9.24 11.78 30.56
C GLY B 370 -8.22 12.28 31.56
N ASN B 371 -6.94 12.29 31.16
CA ASN B 371 -5.80 12.49 32.07
C ASN B 371 -4.85 13.57 31.56
N THR B 372 -5.43 14.61 30.99
CA THR B 372 -4.65 15.70 30.42
C THR B 372 -4.64 16.95 31.33
N HIS B 373 -3.48 17.54 31.55
CA HIS B 373 -3.42 18.80 32.30
C HIS B 373 -2.39 19.75 31.69
N GLU B 374 -2.42 21.01 32.13
CA GLU B 374 -1.47 22.00 31.64
C GLU B 374 -0.37 22.23 32.67
N SER B 375 0.88 22.18 32.21
CA SER B 375 2.05 22.25 33.09
C SER B 375 2.36 23.69 33.51
N SER B 376 3.21 23.89 34.51
CA SER B 376 3.49 25.27 34.92
C SER B 376 4.20 25.96 33.74
N THR B 377 4.95 25.18 32.98
CA THR B 377 5.70 25.67 31.81
C THR B 377 4.85 25.91 30.54
N GLY B 378 3.53 25.74 30.65
CA GLY B 378 2.62 26.14 29.57
C GLY B 378 2.30 25.08 28.52
N PHE B 379 2.81 23.86 28.70
CA PHE B 379 2.58 22.76 27.74
C PHE B 379 1.40 21.91 28.21
N LYS B 380 0.55 21.53 27.26
CA LYS B 380 -0.40 20.44 27.47
C LYS B 380 0.30 19.09 27.71
N THR B 381 0.10 18.51 28.89
CA THR B 381 0.78 17.27 29.24
C THR B 381 -0.05 16.25 30.04
N ARG B 382 0.42 15.01 30.11
CA ARG B 382 -0.27 13.93 30.82
C ARG B 382 0.80 13.29 31.69
N HIS B 383 0.46 12.83 32.89
N HIS B 383 0.45 12.87 32.91
CA HIS B 383 1.47 12.15 33.72
CA HIS B 383 1.39 12.15 33.79
C HIS B 383 1.32 10.68 33.53
C HIS B 383 1.30 10.70 33.40
N PHE B 384 2.44 10.07 33.20
CA PHE B 384 2.54 8.62 32.97
C PHE B 384 1.83 7.85 34.08
N ASP B 385 1.93 8.28 35.32
CA ASP B 385 1.42 7.43 36.37
C ASP B 385 -0.09 7.44 36.36
N ARG B 386 -0.74 8.52 35.92
CA ARG B 386 -2.20 8.56 35.75
C ARG B 386 -2.68 7.68 34.59
N ILE B 387 -1.96 7.72 33.48
CA ILE B 387 -2.28 6.92 32.29
C ILE B 387 -2.21 5.48 32.75
N VAL B 388 -1.11 5.10 33.41
CA VAL B 388 -1.02 3.74 33.99
C VAL B 388 -2.18 3.38 34.92
N ASP B 389 -2.60 4.34 35.75
CA ASP B 389 -3.47 4.03 36.84
C ASP B 389 -4.89 3.91 36.30
N GLU B 390 -5.19 4.65 35.23
CA GLU B 390 -6.50 4.45 34.59
C GLU B 390 -6.58 3.02 34.04
N VAL B 391 -5.50 2.52 33.44
CA VAL B 391 -5.56 1.15 32.91
C VAL B 391 -5.70 0.19 34.05
N GLN B 392 -4.92 0.38 35.11
CA GLN B 392 -5.05 -0.46 36.30
C GLN B 392 -6.51 -0.58 36.71
N GLY B 393 -7.14 0.58 36.81
CA GLY B 393 -8.48 0.64 37.36
C GLY B 393 -9.49 0.07 36.38
N PHE B 394 -9.26 0.27 35.08
CA PHE B 394 -10.06 -0.41 34.05
C PHE B 394 -9.90 -1.94 34.20
N PHE B 395 -8.70 -2.43 34.44
CA PHE B 395 -8.60 -3.87 34.76
C PHE B 395 -9.37 -4.30 36.03
N GLU B 396 -9.45 -3.42 37.04
CA GLU B 396 -10.06 -3.81 38.31
C GLU B 396 -11.57 -3.92 38.16
N VAL B 397 -12.13 -3.06 37.31
CA VAL B 397 -13.58 -3.02 37.07
C VAL B 397 -14.01 -4.30 36.40
N HIS B 398 -13.33 -4.63 35.30
CA HIS B 398 -13.63 -5.85 34.60
C HIS B 398 -13.39 -7.09 35.46
N ARG B 399 -12.28 -7.17 36.18
CA ARG B 399 -12.06 -8.33 37.05
C ARG B 399 -13.20 -8.55 38.05
N ALA B 400 -13.73 -7.46 38.60
CA ALA B 400 -14.75 -7.54 39.63
C ALA B 400 -16.04 -7.96 38.98
N LEU B 401 -16.22 -7.60 37.72
CA LEU B 401 -17.46 -7.94 37.06
C LEU B 401 -17.48 -9.30 36.40
N GLY B 402 -16.31 -9.86 36.08
CA GLY B 402 -16.27 -11.09 35.29
C GLY B 402 -16.35 -10.83 33.79
N THR B 403 -16.02 -9.62 33.35
CA THR B 403 -16.18 -9.25 31.93
C THR B 403 -14.76 -9.02 31.42
N HIS B 404 -14.59 -8.76 30.12
CA HIS B 404 -13.26 -8.81 29.51
C HIS B 404 -12.64 -7.41 29.35
N PRO B 405 -11.46 -7.22 29.95
CA PRO B 405 -10.71 -6.02 29.69
C PRO B 405 -10.15 -6.15 28.27
N GLY B 406 -10.81 -5.53 27.29
CA GLY B 406 -10.59 -5.96 25.90
C GLY B 406 -9.39 -5.37 25.23
N GLY B 407 -9.03 -4.15 25.59
CA GLY B 407 -7.86 -3.58 25.03
C GLY B 407 -7.64 -2.17 25.50
N ILE B 408 -6.64 -1.57 24.86
CA ILE B 408 -6.26 -0.19 25.14
C ILE B 408 -6.12 0.60 23.87
N HIS B 409 -6.32 1.92 23.97
CA HIS B 409 -6.28 2.83 22.85
C HIS B 409 -5.38 3.95 23.31
N VAL B 410 -4.15 3.97 22.84
CA VAL B 410 -3.20 4.99 23.31
C VAL B 410 -2.65 5.90 22.19
N GLU B 411 -2.16 7.10 22.52
CA GLU B 411 -1.39 7.94 21.60
C GLU B 411 0.11 7.89 21.93
N ILE B 412 0.86 7.38 20.96
CA ILE B 412 2.22 7.01 21.12
C ILE B 412 2.94 7.47 19.85
N THR B 413 4.25 7.43 19.92
CA THR B 413 5.12 7.59 18.77
C THR B 413 6.43 6.87 18.99
N GLY B 414 7.06 6.56 17.88
CA GLY B 414 8.38 5.98 17.88
C GLY B 414 9.51 6.94 18.18
N GLU B 415 9.18 8.23 18.20
CA GLU B 415 10.15 9.25 18.50
C GLU B 415 10.36 9.40 20.00
N ASN B 416 11.50 10.00 20.36
CA ASN B 416 11.86 10.19 21.76
C ASN B 416 11.53 11.62 22.10
N VAL B 417 10.28 11.99 21.87
CA VAL B 417 9.75 13.27 22.23
C VAL B 417 9.61 13.47 23.73
N THR B 418 9.28 14.70 24.11
CA THR B 418 9.11 15.07 25.51
C THR B 418 7.75 15.72 25.72
N GLU B 419 6.74 14.88 25.87
CA GLU B 419 5.38 15.34 25.76
C GLU B 419 4.55 14.91 26.98
N CYS B 420 4.79 13.69 27.48
CA CYS B 420 4.19 13.20 28.75
C CYS B 420 5.24 13.13 29.85
N LEU B 421 4.86 13.56 31.05
CA LEU B 421 5.73 13.62 32.23
C LEU B 421 5.90 12.23 32.80
N GLY B 422 7.04 12.02 33.44
CA GLY B 422 7.33 10.73 34.05
C GLY B 422 7.80 9.67 33.08
N GLY B 423 7.44 8.42 33.37
CA GLY B 423 8.15 7.26 32.86
C GLY B 423 9.48 7.01 33.57
N ALA B 424 10.10 5.88 33.27
CA ALA B 424 11.48 5.61 33.68
C ALA B 424 12.44 6.80 33.46
N GLN B 425 12.25 7.52 32.36
CA GLN B 425 13.15 8.60 31.99
C GLN B 425 13.01 9.83 32.90
N ASP B 426 11.95 9.85 33.69
CA ASP B 426 11.59 10.97 34.55
C ASP B 426 11.43 12.32 33.83
N ILE B 427 10.67 12.31 32.76
CA ILE B 427 10.41 13.50 31.98
C ILE B 427 9.77 14.54 32.88
N SER B 428 10.52 15.61 33.14
CA SER B 428 10.12 16.65 34.09
C SER B 428 9.46 17.80 33.33
N GLU B 429 8.90 18.79 34.04
CA GLU B 429 8.12 19.88 33.41
C GLU B 429 9.00 20.74 32.52
N THR B 430 10.22 21.01 32.99
CA THR B 430 11.32 21.59 32.22
C THR B 430 11.79 20.75 31.02
N ASP B 431 11.78 19.42 31.17
CA ASP B 431 12.18 18.57 30.04
C ASP B 431 11.24 18.74 28.83
N LEU B 432 10.00 19.16 29.07
CA LEU B 432 8.96 19.13 28.01
C LEU B 432 9.33 20.07 26.85
N ALA B 433 10.07 21.12 27.18
CA ALA B 433 10.63 22.05 26.23
C ALA B 433 11.49 21.46 25.10
N GLY B 434 12.19 20.35 25.31
CA GLY B 434 13.17 19.93 24.32
C GLY B 434 12.54 19.49 23.01
N ARG B 435 11.60 18.58 23.12
CA ARG B 435 11.12 17.89 21.91
C ARG B 435 9.64 17.69 22.13
N TYR B 436 8.96 18.81 22.29
CA TYR B 436 7.53 18.78 22.28
C TYR B 436 7.11 18.92 20.82
N GLU B 437 6.81 17.80 20.16
CA GLU B 437 6.63 17.89 18.72
C GLU B 437 5.19 17.68 18.20
N THR B 438 4.28 17.21 19.06
CA THR B 438 2.89 16.90 18.67
C THR B 438 2.13 18.11 18.11
N ALA B 439 1.34 17.90 17.07
CA ALA B 439 0.46 18.93 16.53
C ALA B 439 -0.82 19.03 17.33
N CYS B 440 -0.97 18.19 18.35
CA CYS B 440 -2.17 18.28 19.20
C CYS B 440 -1.89 17.73 20.62
N ASP B 441 -2.39 16.55 20.98
CA ASP B 441 -2.20 16.16 22.37
C ASP B 441 -0.86 15.50 22.57
N PRO B 442 -0.34 15.46 23.83
CA PRO B 442 0.91 14.81 24.15
C PRO B 442 0.81 13.30 24.01
N ARG B 443 1.80 12.75 23.32
CA ARG B 443 1.90 11.31 23.08
C ARG B 443 2.94 10.71 24.03
N LEU B 444 2.76 9.43 24.36
CA LEU B 444 3.84 8.65 24.99
C LEU B 444 4.97 8.53 23.98
N ASN B 445 6.21 8.68 24.44
CA ASN B 445 7.29 8.54 23.50
C ASN B 445 7.54 7.04 23.35
N THR B 446 8.48 6.65 22.51
CA THR B 446 8.72 5.21 22.33
C THR B 446 9.01 4.39 23.58
N GLN B 447 9.89 4.92 24.43
CA GLN B 447 10.18 4.27 25.69
C GLN B 447 8.98 4.24 26.60
N GLN B 448 8.25 5.33 26.71
CA GLN B 448 7.10 5.34 27.58
C GLN B 448 6.05 4.34 27.10
N SER B 449 5.88 4.21 25.79
CA SER B 449 4.84 3.31 25.30
C SER B 449 5.23 1.87 25.59
N LEU B 450 6.53 1.60 25.55
CA LEU B 450 6.91 0.21 25.78
C LEU B 450 6.87 -0.10 27.24
N GLU B 451 7.28 0.85 28.08
CA GLU B 451 7.10 0.63 29.51
C GLU B 451 5.64 0.28 29.84
N LEU B 452 4.68 1.02 29.31
CA LEU B 452 3.27 0.76 29.58
C LEU B 452 2.89 -0.63 29.11
N ALA B 453 3.43 -1.11 27.99
CA ALA B 453 3.09 -2.52 27.62
C ALA B 453 3.59 -3.50 28.68
N PHE B 454 4.82 -3.32 29.16
CA PHE B 454 5.28 -4.13 30.29
C PHE B 454 4.35 -4.12 31.47
N LEU B 455 3.92 -2.91 31.88
CA LEU B 455 3.05 -2.79 33.03
C LEU B 455 1.72 -3.43 32.75
N VAL B 456 1.19 -3.22 31.55
CA VAL B 456 -0.09 -3.84 31.20
C VAL B 456 0.04 -5.36 31.05
N ALA B 457 1.19 -5.82 30.57
CA ALA B 457 1.45 -7.25 30.53
C ALA B 457 1.36 -7.81 31.96
N GLU B 458 1.86 -7.09 32.97
CA GLU B 458 1.70 -7.55 34.37
C GLU B 458 0.29 -7.55 34.96
N MET B 459 -0.58 -6.67 34.45
CA MET B 459 -2.01 -6.71 34.75
C MET B 459 -2.69 -7.91 34.10
N LEU B 460 -2.30 -8.20 32.86
CA LEU B 460 -2.85 -9.36 32.14
C LEU B 460 -2.43 -10.68 32.82
N ARG B 461 -1.22 -10.69 33.37
CA ARG B 461 -0.71 -11.84 34.10
C ARG B 461 -1.32 -11.94 35.50
N ASP B 462 -1.59 -10.81 36.15
CA ASP B 462 -2.07 -10.83 37.54
C ASP B 462 -3.02 -11.97 37.72
MN MN C . 4.49 -0.44 -25.23
N PHE D . -5.64 9.58 -10.49
CA PHE D . -6.31 10.86 -10.10
C PHE D . -5.48 12.09 -10.46
O PHE D . -4.27 12.07 -10.70
CB PHE D . -6.63 10.87 -8.60
CG PHE D . -5.46 10.57 -7.71
CD1 PHE D . -4.66 11.58 -7.21
CD2 PHE D . -5.20 9.27 -7.32
CE1 PHE D . -3.61 11.28 -6.37
CE2 PHE D . -4.16 8.98 -6.47
CZ PHE D . -3.36 9.98 -6.01
OXT PHE D . -6.05 13.18 -10.49
N TRP E . 1.78 -18.51 -3.45
CA TRP E . 2.24 -19.35 -4.57
C TRP E . 2.96 -18.53 -5.64
O TRP E . 2.91 -17.31 -5.71
CB TRP E . 1.07 -20.10 -5.21
CG TRP E . -0.03 -19.18 -5.64
CD1 TRP E . -0.97 -18.60 -4.84
CD2 TRP E . -0.31 -18.74 -6.96
NE1 TRP E . -1.82 -17.83 -5.59
CE2 TRP E . -1.42 -17.88 -6.89
CE3 TRP E . 0.30 -18.97 -8.20
CZ2 TRP E . -1.95 -17.25 -8.01
CZ3 TRP E . -0.22 -18.33 -9.32
CH2 TRP E . -1.35 -17.51 -9.22
OXT TRP E . 3.56 -19.10 -6.53
P PO4 F . 11.06 -0.66 -26.27
O1 PO4 F . 11.54 -2.08 -26.16
O2 PO4 F . 9.68 -0.59 -25.67
O3 PO4 F . 11.91 0.28 -25.48
O4 PO4 F . 11.02 -0.25 -27.70
S SO4 G . 10.02 16.98 -26.69
O1 SO4 G . 9.17 16.19 -25.79
O2 SO4 G . 9.27 18.08 -27.29
O3 SO4 G . 11.17 17.50 -25.95
O4 SO4 G . 10.50 16.11 -27.76
C1 GOL H . 3.06 -7.20 -2.75
O1 GOL H . 2.59 -8.40 -3.34
C2 GOL H . 4.57 -6.99 -2.94
O2 GOL H . 4.97 -7.48 -4.20
C3 GOL H . 5.39 -7.68 -1.86
O3 GOL H . 6.78 -7.55 -2.15
C1 GOL I . 7.26 -15.26 -5.68
O1 GOL I . 6.57 -15.83 -4.59
C2 GOL I . 7.72 -16.32 -6.66
O2 GOL I . 6.69 -17.25 -6.95
C3 GOL I . 8.94 -17.06 -6.10
O3 GOL I . 10.03 -16.91 -6.97
CL CL J . 17.00 13.94 -27.07
C1 GOL K . 6.91 5.83 -30.39
O1 GOL K . 5.78 4.97 -30.33
C2 GOL K . 6.87 6.69 -31.66
O2 GOL K . 8.01 6.41 -32.44
C3 GOL K . 6.85 8.18 -31.31
O3 GOL K . 6.89 8.98 -32.47
MN MN L . -5.71 13.04 21.16
C1 GOL M . -23.23 16.19 5.04
O1 GOL M . -23.34 16.02 6.43
C2 GOL M . -22.09 17.14 4.73
O2 GOL M . -21.16 16.52 3.86
C3 GOL M . -21.41 17.59 6.02
O3 GOL M . -22.34 18.10 6.95
N PHE N . 3.55 15.07 2.75
CA PHE N . 3.93 15.83 1.52
C PHE N . 2.82 16.76 1.05
O PHE N . 1.66 16.71 1.49
CB PHE N . 4.43 14.92 0.37
CG PHE N . 3.39 13.97 -0.17
CD1 PHE N . 3.31 12.66 0.30
CD2 PHE N . 2.57 14.33 -1.24
CE1 PHE N . 2.39 11.76 -0.23
CE2 PHE N . 1.67 13.44 -1.78
CZ PHE N . 1.55 12.17 -1.25
OXT PHE N . 3.10 17.63 0.23
N TRP O . 1.85 -13.30 13.25
CA TRP O . 1.68 -13.35 14.73
C TRP O . 0.90 -12.13 15.19
O TRP O . 0.84 -11.13 14.49
CB TRP O . 3.03 -13.40 15.45
CG TRP O . 3.86 -12.19 15.27
CD1 TRP O . 4.71 -11.92 14.25
CD2 TRP O . 3.93 -11.06 16.16
NE1 TRP O . 5.30 -10.69 14.44
CE2 TRP O . 4.80 -10.13 15.58
CE3 TRP O . 3.32 -10.76 17.38
CZ2 TRP O . 5.12 -8.92 16.21
CZ3 TRP O . 3.60 -9.53 17.98
CH2 TRP O . 4.50 -8.64 17.40
OXT TRP O . 0.32 -12.12 16.25
P PO4 P . -12.17 12.17 22.63
O1 PO4 P . -12.42 10.90 23.37
O2 PO4 P . -13.36 12.40 21.74
O3 PO4 P . -12.01 13.33 23.57
O4 PO4 P . -10.89 11.99 21.85
S SO4 Q . -10.19 22.40 22.49
O1 SO4 Q . -11.21 21.44 22.87
O2 SO4 Q . -10.74 23.41 21.60
O3 SO4 Q . -9.71 23.09 23.68
O4 SO4 Q . -9.07 21.70 21.86
S SO4 R . -26.33 7.09 -6.59
O1 SO4 R . -27.38 6.82 -5.61
O2 SO4 R . -26.92 7.50 -7.85
O3 SO4 R . -25.45 8.17 -6.17
O4 SO4 R . -25.55 5.89 -6.82
S SO4 S . -22.85 10.92 -1.50
O1 SO4 S . -23.97 10.92 -0.56
O2 SO4 S . -23.13 11.99 -2.44
O3 SO4 S . -21.58 11.15 -0.80
O4 SO4 S . -22.74 9.69 -2.26
CL CL T . -24.24 17.99 -0.47
C1 GOL U . -32.11 4.55 14.70
O1 GOL U . -31.17 3.60 15.14
C2 GOL U . -33.48 4.03 15.05
O2 GOL U . -34.34 4.14 13.94
C3 GOL U . -33.97 4.77 16.30
O3 GOL U . -34.35 6.09 15.99
C1 GOL V . -3.43 -5.22 7.09
O1 GOL V . -3.83 -3.88 7.04
C2 GOL V . -2.19 -5.35 6.20
O2 GOL V . -1.83 -6.71 6.14
C3 GOL V . -1.05 -4.49 6.74
O3 GOL V . -0.50 -5.02 7.92
C1 GOL W . 3.25 20.22 12.82
O1 GOL W . 3.36 20.53 11.45
C2 GOL W . 4.53 20.56 13.57
O2 GOL W . 5.37 19.42 13.67
C3 GOL W . 4.22 21.01 14.99
O3 GOL W . 5.23 20.56 15.87
C1 GOL X . -4.69 -11.47 15.75
O1 GOL X . -6.02 -11.82 15.49
C2 GOL X . -4.07 -10.82 14.53
O2 GOL X . -4.87 -9.76 14.07
C3 GOL X . -3.93 -11.87 13.42
O3 GOL X . -2.71 -11.72 12.73
#